data_1Q7G
#
_entry.id   1Q7G
#
_cell.length_a   80.863
_cell.length_b   80.863
_cell.length_c   248.986
_cell.angle_alpha   90.00
_cell.angle_beta   90.00
_cell.angle_gamma   90.00
#
_symmetry.space_group_name_H-M   'P 43 21 2'
#
loop_
_entity.id
_entity.type
_entity.pdbx_description
1 polymer 'Homoserine dehydrogenase'
2 non-polymer 'SODIUM ION'
3 non-polymer NICOTINAMIDE-ADENINE-DINUCLEOTIDE-5-HYDROXY-4-OXONORVALINE
4 water water
#
_entity_poly.entity_id   1
_entity_poly.type   'polypeptide(L)'
_entity_poly.pdbx_seq_one_letter_code
;MSTKVVNVAVIGAGVVGSAFLDQLLAMKSTITYNLVLLAEAERSLISKDFSPLNVGSDWKAALAASTTKTLPLDDLIAHL
KTSPKPVILVDNTSSAYIAGFYTKFVENGISIATPNKKAFSSDLATWKALFSNKPTNGFVYHEATVGAGLPIISFLREII
QTGDEVEKIEGIFSGTLSYIFNEFSTSQANDVKFSDVVKVAKKLGYTEPDPRDDLNGLDVARKVTIVGRISGVEVESPTS
FPVQSLIPKPLESVKSADEFLEKLSDYDKDLTQLKKEAATENKVLRFIGKVDVATKSVSVGIEKYDYSHPFASLKGSDNV
ISIKTKRYTNPVVIQGAGAGAAVTAAGVLGDVIKIAQRL
;
_entity_poly.pdbx_strand_id   A,B
#
# COMPACT_ATOMS: atom_id res chain seq x y z
N SER A 2 6.57 -6.48 20.00
CA SER A 2 6.44 -7.94 19.71
C SER A 2 7.72 -8.69 20.08
N THR A 3 8.34 -9.32 19.08
CA THR A 3 9.59 -10.09 19.22
C THR A 3 10.72 -9.16 19.60
N LYS A 4 11.27 -9.36 20.79
CA LYS A 4 12.32 -8.49 21.29
C LYS A 4 13.61 -8.35 20.50
N VAL A 5 14.34 -9.44 20.32
CA VAL A 5 15.63 -9.35 19.64
C VAL A 5 15.85 -10.17 18.36
N VAL A 6 16.40 -9.52 17.35
CA VAL A 6 16.72 -10.19 16.08
C VAL A 6 18.06 -9.69 15.52
N ASN A 7 18.72 -10.54 14.73
CA ASN A 7 20.00 -10.21 14.15
C ASN A 7 19.93 -9.90 12.65
N VAL A 8 20.46 -8.74 12.29
CA VAL A 8 20.46 -8.32 10.90
C VAL A 8 21.83 -8.57 10.30
N ALA A 9 21.83 -9.21 9.13
CA ALA A 9 23.05 -9.52 8.41
C ALA A 9 22.91 -8.80 7.06
N VAL A 10 23.55 -7.64 6.96
CA VAL A 10 23.49 -6.83 5.74
C VAL A 10 24.61 -7.11 4.77
N ILE A 11 24.29 -7.19 3.48
CA ILE A 11 25.31 -7.41 2.46
C ILE A 11 25.22 -6.25 1.46
N GLY A 12 26.34 -5.56 1.27
CA GLY A 12 26.35 -4.45 0.33
C GLY A 12 26.09 -3.09 0.94
N ALA A 13 27.10 -2.22 0.89
CA ALA A 13 26.98 -0.87 1.42
C ALA A 13 27.15 0.21 0.35
N GLY A 14 26.37 0.10 -0.74
CA GLY A 14 26.47 1.07 -1.81
C GLY A 14 25.48 2.22 -1.70
N VAL A 15 24.89 2.62 -2.82
CA VAL A 15 23.91 3.70 -2.81
C VAL A 15 22.78 3.34 -1.86
N VAL A 16 22.04 2.30 -2.21
CA VAL A 16 20.92 1.81 -1.41
C VAL A 16 21.44 1.36 -0.04
N GLY A 17 22.48 0.54 -0.05
CA GLY A 17 23.05 0.01 1.18
C GLY A 17 23.46 1.01 2.25
N SER A 18 24.11 2.09 1.85
CA SER A 18 24.53 3.07 2.82
C SER A 18 23.29 3.70 3.46
N ALA A 19 22.31 4.07 2.64
CA ALA A 19 21.09 4.68 3.16
C ALA A 19 20.37 3.72 4.10
N PHE A 20 20.30 2.45 3.73
CA PHE A 20 19.63 1.47 4.57
C PHE A 20 20.28 1.46 5.95
N LEU A 21 21.59 1.22 5.97
CA LEU A 21 22.34 1.18 7.21
C LEU A 21 22.03 2.40 8.09
N ASP A 22 22.22 3.60 7.56
CA ASP A 22 21.95 4.83 8.31
C ASP A 22 20.59 4.80 8.99
N GLN A 23 19.57 4.52 8.18
CA GLN A 23 18.19 4.44 8.63
C GLN A 23 17.98 3.34 9.68
N LEU A 24 18.58 2.17 9.47
CA LEU A 24 18.45 1.06 10.41
C LEU A 24 19.05 1.50 11.75
N LEU A 25 20.36 1.73 11.72
CA LEU A 25 21.10 2.16 12.90
C LEU A 25 20.38 3.25 13.67
N ALA A 26 19.83 4.22 12.97
CA ALA A 26 19.12 5.34 13.62
C ALA A 26 17.65 5.09 13.89
N MET A 27 17.22 3.83 13.85
CA MET A 27 15.83 3.51 14.07
C MET A 27 15.49 3.16 15.51
N LYS A 28 14.39 3.72 16.00
CA LYS A 28 13.93 3.50 17.36
C LYS A 28 12.67 2.63 17.29
N SER A 29 12.70 1.48 17.96
CA SER A 29 11.60 0.54 17.92
C SER A 29 11.50 -0.29 19.18
N THR A 30 10.39 -1.00 19.29
CA THR A 30 10.13 -1.87 20.44
C THR A 30 10.92 -3.16 20.29
N ILE A 31 11.54 -3.32 19.13
CA ILE A 31 12.32 -4.51 18.85
C ILE A 31 13.78 -4.10 18.69
N THR A 32 14.68 -4.98 19.11
CA THR A 32 16.11 -4.70 19.01
C THR A 32 16.67 -5.36 17.76
N TYR A 33 17.32 -4.56 16.93
CA TYR A 33 17.94 -5.06 15.72
C TYR A 33 19.44 -5.03 15.92
N ASN A 34 20.05 -6.20 16.06
CA ASN A 34 21.49 -6.25 16.25
C ASN A 34 22.16 -6.52 14.92
N LEU A 35 23.02 -5.60 14.51
CA LEU A 35 23.76 -5.77 13.27
C LEU A 35 24.90 -6.73 13.57
N VAL A 36 24.88 -7.90 12.96
CA VAL A 36 25.91 -8.90 13.16
C VAL A 36 26.76 -9.13 11.91
N LEU A 37 26.59 -8.29 10.90
CA LEU A 37 27.36 -8.43 9.66
C LEU A 37 27.29 -7.22 8.73
N LEU A 38 28.43 -6.78 8.27
CA LEU A 38 28.47 -5.67 7.34
C LEU A 38 29.45 -6.15 6.27
N ALA A 39 28.89 -6.72 5.20
CA ALA A 39 29.71 -7.28 4.13
C ALA A 39 29.79 -6.41 2.88
N GLU A 40 30.99 -6.36 2.29
CA GLU A 40 31.22 -5.61 1.07
C GLU A 40 32.03 -6.50 0.14
N ALA A 41 32.36 -5.96 -1.04
CA ALA A 41 33.12 -6.69 -2.04
C ALA A 41 34.31 -7.50 -1.54
N GLU A 42 35.28 -6.85 -0.90
CA GLU A 42 36.45 -7.57 -0.41
C GLU A 42 36.46 -7.75 1.10
N ARG A 43 36.02 -6.73 1.83
CA ARG A 43 36.02 -6.79 3.29
C ARG A 43 34.65 -6.81 3.93
N SER A 44 34.57 -7.41 5.11
CA SER A 44 33.31 -7.49 5.83
C SER A 44 33.52 -7.29 7.32
N LEU A 45 32.49 -6.77 7.97
CA LEU A 45 32.52 -6.61 9.42
C LEU A 45 31.70 -7.83 9.80
N ILE A 46 32.19 -8.63 10.73
CA ILE A 46 31.45 -9.79 11.13
C ILE A 46 31.63 -10.06 12.61
N SER A 47 30.49 -10.09 13.32
CA SER A 47 30.45 -10.35 14.76
C SER A 47 30.49 -11.85 15.00
N LYS A 48 31.70 -12.38 15.08
CA LYS A 48 31.93 -13.82 15.28
C LYS A 48 31.07 -14.55 16.31
N ASP A 49 30.71 -13.86 17.40
CA ASP A 49 29.90 -14.49 18.45
C ASP A 49 28.48 -13.94 18.53
N PHE A 50 28.13 -13.12 17.56
CA PHE A 50 26.80 -12.54 17.43
C PHE A 50 26.41 -11.41 18.35
N SER A 51 27.38 -10.58 18.74
CA SER A 51 27.07 -9.42 19.58
C SER A 51 26.73 -8.30 18.60
N PRO A 52 26.06 -7.24 19.06
CA PRO A 52 25.72 -6.15 18.14
C PRO A 52 27.02 -5.58 17.59
N LEU A 53 27.14 -5.45 16.27
CA LEU A 53 28.37 -4.90 15.76
C LEU A 53 28.53 -3.56 16.46
N ASN A 54 29.67 -3.40 17.14
CA ASN A 54 29.96 -2.18 17.88
C ASN A 54 30.31 -1.01 16.96
N VAL A 55 29.54 -0.87 15.88
CA VAL A 55 29.78 0.20 14.92
C VAL A 55 28.82 1.36 15.06
N GLY A 56 28.63 1.81 16.30
CA GLY A 56 27.74 2.93 16.58
C GLY A 56 27.01 3.47 15.34
N SER A 57 27.49 4.60 14.82
CA SER A 57 26.88 5.18 13.65
C SER A 57 27.86 5.26 12.48
N ASP A 58 29.15 5.42 12.77
CA ASP A 58 30.14 5.48 11.69
C ASP A 58 30.73 4.09 11.42
N TRP A 59 30.02 3.35 10.58
CA TRP A 59 30.38 2.01 10.18
C TRP A 59 31.45 2.06 9.10
N LYS A 60 31.36 3.07 8.23
CA LYS A 60 32.30 3.25 7.13
C LYS A 60 33.72 3.14 7.65
N ALA A 61 34.05 3.98 8.62
CA ALA A 61 35.38 3.97 9.20
C ALA A 61 35.67 2.55 9.72
N ALA A 62 34.66 1.91 10.29
CA ALA A 62 34.82 0.56 10.81
C ALA A 62 35.10 -0.39 9.66
N LEU A 63 34.21 -0.38 8.67
CA LEU A 63 34.37 -1.25 7.50
C LEU A 63 35.75 -1.04 6.87
N ALA A 64 36.11 0.22 6.65
CA ALA A 64 37.39 0.57 6.06
C ALA A 64 38.57 -0.13 6.72
N ALA A 65 38.68 0.04 8.05
CA ALA A 65 39.77 -0.55 8.83
C ALA A 65 39.70 -2.07 8.92
N SER A 66 38.67 -2.64 8.33
CA SER A 66 38.52 -4.08 8.36
C SER A 66 39.35 -4.75 7.28
N THR A 67 40.06 -5.81 7.66
CA THR A 67 40.86 -6.55 6.71
C THR A 67 40.29 -7.97 6.68
N THR A 68 39.19 -8.16 7.43
CA THR A 68 38.50 -9.44 7.49
C THR A 68 37.89 -9.61 6.10
N LYS A 69 38.39 -10.57 5.33
CA LYS A 69 37.92 -10.81 3.97
C LYS A 69 36.49 -11.33 3.95
N THR A 70 35.69 -10.82 3.03
CA THR A 70 34.28 -11.25 2.92
C THR A 70 34.20 -12.76 2.69
N LEU A 71 33.44 -13.42 3.54
CA LEU A 71 33.26 -14.87 3.49
C LEU A 71 32.44 -15.33 2.30
N PRO A 72 32.87 -16.41 1.65
CA PRO A 72 32.14 -16.97 0.51
C PRO A 72 30.81 -17.37 1.10
N LEU A 73 29.72 -17.27 0.33
CA LEU A 73 28.39 -17.59 0.88
C LEU A 73 28.17 -18.95 1.52
N ASP A 74 28.89 -19.98 1.10
CA ASP A 74 28.71 -21.30 1.72
C ASP A 74 29.21 -21.29 3.17
N ASP A 75 30.27 -20.52 3.42
CA ASP A 75 30.82 -20.40 4.75
C ASP A 75 29.98 -19.43 5.56
N LEU A 76 29.55 -18.34 4.94
CA LEU A 76 28.73 -17.35 5.63
C LEU A 76 27.50 -17.95 6.28
N ILE A 77 26.63 -18.55 5.47
CA ILE A 77 25.42 -19.12 6.05
C ILE A 77 25.78 -20.20 7.05
N ALA A 78 26.95 -20.81 6.87
CA ALA A 78 27.40 -21.85 7.79
C ALA A 78 27.59 -21.19 9.18
N HIS A 79 27.88 -19.89 9.17
CA HIS A 79 28.07 -19.13 10.40
C HIS A 79 26.70 -18.69 10.91
N LEU A 80 26.08 -17.78 10.18
CA LEU A 80 24.78 -17.24 10.53
C LEU A 80 23.76 -18.25 11.04
N LYS A 81 23.77 -19.47 10.48
CA LYS A 81 22.82 -20.50 10.86
C LYS A 81 22.91 -20.93 12.32
N THR A 82 23.96 -20.53 13.02
CA THR A 82 24.09 -20.92 14.42
C THR A 82 23.62 -19.82 15.36
N SER A 83 23.34 -18.65 14.80
CA SER A 83 22.89 -17.49 15.56
C SER A 83 21.85 -17.79 16.66
N PRO A 84 22.11 -17.30 17.89
CA PRO A 84 21.19 -17.53 18.99
C PRO A 84 19.85 -16.81 18.80
N LYS A 85 19.80 -15.87 17.86
CA LYS A 85 18.57 -15.13 17.57
C LYS A 85 18.23 -15.26 16.09
N PRO A 86 16.93 -15.11 15.73
CA PRO A 86 16.54 -15.20 14.32
C PRO A 86 17.47 -14.31 13.53
N VAL A 87 17.70 -14.64 12.26
CA VAL A 87 18.60 -13.87 11.42
C VAL A 87 17.92 -13.35 10.17
N ILE A 88 18.02 -12.04 9.97
CA ILE A 88 17.47 -11.42 8.77
C ILE A 88 18.63 -10.99 7.89
N LEU A 89 18.77 -11.65 6.74
CA LEU A 89 19.84 -11.29 5.81
C LEU A 89 19.31 -10.17 4.91
N VAL A 90 20.01 -9.04 4.88
CA VAL A 90 19.59 -7.94 4.04
C VAL A 90 20.56 -7.81 2.88
N ASP A 91 20.14 -8.28 1.71
CA ASP A 91 20.98 -8.21 0.53
C ASP A 91 20.73 -6.95 -0.29
N ASN A 92 21.69 -6.02 -0.23
CA ASN A 92 21.59 -4.76 -0.97
C ASN A 92 22.52 -4.73 -2.18
N THR A 93 22.47 -5.79 -2.99
CA THR A 93 23.31 -5.89 -4.18
C THR A 93 22.44 -6.33 -5.36
N SER A 94 23.00 -6.29 -6.56
CA SER A 94 22.28 -6.75 -7.75
C SER A 94 22.98 -8.04 -8.14
N SER A 95 23.63 -8.64 -7.15
CA SER A 95 24.40 -9.87 -7.32
C SER A 95 23.63 -11.14 -7.62
N ALA A 96 23.93 -11.74 -8.77
CA ALA A 96 23.30 -12.98 -9.18
C ALA A 96 23.92 -14.09 -8.36
N TYR A 97 25.15 -13.85 -7.92
CA TYR A 97 25.87 -14.82 -7.11
C TYR A 97 25.16 -14.98 -5.78
N ILE A 98 24.99 -13.88 -5.07
CA ILE A 98 24.30 -13.92 -3.80
C ILE A 98 22.88 -14.45 -4.01
N ALA A 99 22.26 -14.06 -5.13
CA ALA A 99 20.90 -14.52 -5.43
C ALA A 99 20.84 -16.04 -5.50
N GLY A 100 21.77 -16.64 -6.24
CA GLY A 100 21.79 -18.08 -6.36
C GLY A 100 21.79 -18.79 -5.02
N PHE A 101 22.21 -18.09 -3.97
CA PHE A 101 22.24 -18.69 -2.63
C PHE A 101 20.97 -18.56 -1.80
N TYR A 102 20.08 -17.64 -2.16
CA TYR A 102 18.87 -17.46 -1.37
C TYR A 102 18.27 -18.77 -0.85
N THR A 103 18.00 -19.69 -1.76
CA THR A 103 17.41 -20.97 -1.39
C THR A 103 18.12 -21.63 -0.22
N LYS A 104 19.44 -21.43 -0.11
CA LYS A 104 20.19 -22.03 1.00
C LYS A 104 19.99 -21.25 2.30
N PHE A 105 19.89 -19.93 2.18
CA PHE A 105 19.66 -19.11 3.36
C PHE A 105 18.36 -19.57 4.00
N VAL A 106 17.32 -19.55 3.18
CA VAL A 106 15.98 -19.94 3.59
C VAL A 106 15.93 -21.34 4.22
N GLU A 107 16.55 -22.31 3.56
CA GLU A 107 16.56 -23.68 4.08
C GLU A 107 17.29 -23.81 5.40
N ASN A 108 18.24 -22.91 5.66
CA ASN A 108 19.01 -22.92 6.90
C ASN A 108 18.32 -22.09 7.96
N GLY A 109 17.09 -21.67 7.65
CA GLY A 109 16.32 -20.91 8.60
C GLY A 109 16.54 -19.41 8.64
N ILE A 110 17.22 -18.84 7.65
CA ILE A 110 17.42 -17.39 7.67
C ILE A 110 16.55 -16.65 6.63
N SER A 111 15.86 -15.63 7.10
CA SER A 111 14.97 -14.82 6.27
C SER A 111 15.77 -13.88 5.38
N ILE A 112 15.09 -13.24 4.43
CA ILE A 112 15.74 -12.33 3.51
C ILE A 112 14.91 -11.06 3.24
N ALA A 113 15.58 -9.92 3.19
CA ALA A 113 14.93 -8.64 2.90
C ALA A 113 15.83 -8.08 1.84
N THR A 114 15.28 -7.76 0.67
CA THR A 114 16.13 -7.24 -0.40
C THR A 114 15.43 -6.52 -1.53
N PRO A 115 16.18 -5.68 -2.24
CA PRO A 115 15.69 -4.91 -3.38
C PRO A 115 16.30 -5.56 -4.64
N ASN A 116 16.96 -6.70 -4.43
CA ASN A 116 17.60 -7.43 -5.52
C ASN A 116 16.62 -8.23 -6.34
N LYS A 117 16.42 -7.81 -7.58
CA LYS A 117 15.49 -8.47 -8.51
C LYS A 117 15.93 -9.85 -8.99
N LYS A 118 17.18 -10.19 -8.78
CA LYS A 118 17.71 -11.47 -9.27
C LYS A 118 16.96 -12.78 -8.98
N ALA A 119 16.89 -13.20 -7.73
CA ALA A 119 16.24 -14.45 -7.43
C ALA A 119 14.74 -14.52 -7.80
N PHE A 120 14.09 -13.35 -7.84
CA PHE A 120 12.67 -13.28 -8.15
C PHE A 120 12.30 -13.13 -9.62
N SER A 121 13.29 -12.90 -10.47
CA SER A 121 13.08 -12.79 -11.91
C SER A 121 14.00 -13.81 -12.59
N SER A 122 14.15 -14.95 -11.92
CA SER A 122 14.97 -16.04 -12.41
C SER A 122 14.07 -17.12 -12.96
N ASP A 123 14.39 -18.37 -12.64
CA ASP A 123 13.60 -19.48 -13.10
C ASP A 123 12.45 -19.70 -12.12
N LEU A 124 11.46 -20.49 -12.56
CA LEU A 124 10.28 -20.77 -11.75
C LEU A 124 10.57 -21.60 -10.51
N ALA A 125 11.57 -22.47 -10.60
CA ALA A 125 11.89 -23.32 -9.45
C ALA A 125 12.39 -22.50 -8.25
N THR A 126 13.25 -21.53 -8.52
CA THR A 126 13.78 -20.69 -7.46
C THR A 126 12.60 -20.00 -6.78
N TRP A 127 11.75 -19.38 -7.60
CA TRP A 127 10.57 -18.69 -7.11
C TRP A 127 9.77 -19.61 -6.19
N LYS A 128 9.36 -20.77 -6.71
CA LYS A 128 8.60 -21.70 -5.91
C LYS A 128 9.37 -22.00 -4.62
N ALA A 129 10.64 -22.35 -4.76
CA ALA A 129 11.49 -22.68 -3.60
C ALA A 129 11.44 -21.53 -2.62
N LEU A 130 11.59 -20.32 -3.14
CA LEU A 130 11.56 -19.11 -2.34
C LEU A 130 10.29 -19.05 -1.49
N PHE A 131 9.14 -19.20 -2.13
CA PHE A 131 7.86 -19.12 -1.42
C PHE A 131 7.24 -20.46 -1.03
N SER A 132 8.06 -21.50 -1.05
CA SER A 132 7.65 -22.84 -0.66
C SER A 132 7.04 -22.76 0.74
N ASN A 133 7.46 -21.74 1.48
CA ASN A 133 7.00 -21.49 2.84
C ASN A 133 6.86 -22.77 3.66
N LYS A 134 8.00 -23.45 3.84
CA LYS A 134 8.07 -24.69 4.60
C LYS A 134 8.37 -24.32 6.05
N PRO A 135 8.09 -25.21 7.00
CA PRO A 135 8.35 -24.91 8.41
C PRO A 135 9.79 -24.46 8.73
N THR A 136 9.93 -23.65 9.78
CA THR A 136 11.23 -23.14 10.23
C THR A 136 12.16 -22.64 9.12
N ASN A 137 11.59 -22.08 8.06
CA ASN A 137 12.39 -21.57 6.97
C ASN A 137 12.27 -20.06 6.86
N GLY A 138 13.38 -19.42 6.50
CA GLY A 138 13.33 -17.98 6.42
C GLY A 138 12.21 -17.50 5.52
N PHE A 139 11.70 -16.30 5.80
CA PHE A 139 10.65 -15.70 4.99
C PHE A 139 11.44 -14.88 3.96
N VAL A 140 10.82 -14.56 2.83
CA VAL A 140 11.53 -13.80 1.81
C VAL A 140 10.74 -12.59 1.36
N TYR A 141 11.19 -11.42 1.75
CA TYR A 141 10.53 -10.18 1.38
C TYR A 141 11.38 -9.41 0.36
N HIS A 142 10.72 -8.84 -0.65
CA HIS A 142 11.40 -8.08 -1.70
C HIS A 142 10.60 -6.87 -2.17
N GLU A 143 9.95 -6.19 -1.24
CA GLU A 143 9.15 -5.04 -1.59
C GLU A 143 9.84 -4.07 -2.54
N ALA A 144 11.16 -3.96 -2.43
CA ALA A 144 11.90 -3.01 -3.25
C ALA A 144 12.25 -3.47 -4.66
N THR A 145 11.92 -4.70 -5.03
CA THR A 145 12.24 -5.19 -6.37
C THR A 145 11.44 -4.48 -7.45
N VAL A 146 10.34 -3.85 -7.06
CA VAL A 146 9.48 -3.15 -8.02
C VAL A 146 8.70 -2.01 -7.38
N GLY A 147 9.04 -0.79 -7.76
CA GLY A 147 8.34 0.36 -7.22
C GLY A 147 9.04 0.84 -5.97
N ALA A 148 10.32 0.49 -5.85
CA ALA A 148 11.11 0.89 -4.70
C ALA A 148 10.35 0.59 -3.40
N GLY A 149 9.96 1.63 -2.67
CA GLY A 149 9.26 1.42 -1.42
C GLY A 149 7.77 1.74 -1.40
N LEU A 150 7.11 1.56 -2.55
CA LEU A 150 5.68 1.83 -2.64
C LEU A 150 4.91 0.59 -2.21
N PRO A 151 3.81 0.78 -1.49
CA PRO A 151 3.07 -0.41 -1.06
C PRO A 151 2.39 -1.14 -2.24
N ILE A 152 3.07 -2.09 -2.87
CA ILE A 152 2.42 -2.83 -3.95
C ILE A 152 2.54 -4.34 -3.79
N ILE A 153 3.75 -4.87 -3.72
CA ILE A 153 3.90 -6.32 -3.56
C ILE A 153 3.17 -6.81 -2.31
N SER A 154 3.46 -6.20 -1.17
CA SER A 154 2.82 -6.59 0.08
C SER A 154 1.32 -6.37 -0.03
N PHE A 155 0.91 -5.39 -0.83
CA PHE A 155 -0.52 -5.11 -1.03
C PHE A 155 -1.13 -6.28 -1.79
N LEU A 156 -0.49 -6.68 -2.88
CA LEU A 156 -0.98 -7.80 -3.67
C LEU A 156 -1.00 -9.09 -2.83
N ARG A 157 0.09 -9.44 -2.16
CA ARG A 157 0.09 -10.67 -1.36
C ARG A 157 -1.03 -10.71 -0.30
N GLU A 158 -1.50 -9.54 0.11
CA GLU A 158 -2.55 -9.49 1.12
C GLU A 158 -3.91 -9.71 0.47
N ILE A 159 -4.27 -8.84 -0.46
CA ILE A 159 -5.51 -8.95 -1.18
C ILE A 159 -5.66 -10.41 -1.67
N ILE A 160 -4.57 -11.00 -2.17
CA ILE A 160 -4.63 -12.40 -2.64
C ILE A 160 -4.94 -13.38 -1.52
N GLN A 161 -4.31 -13.19 -0.37
CA GLN A 161 -4.56 -14.09 0.76
C GLN A 161 -6.00 -14.00 1.26
N THR A 162 -6.56 -12.79 1.26
CA THR A 162 -7.93 -12.60 1.72
C THR A 162 -8.87 -13.35 0.82
N GLY A 163 -8.49 -13.51 -0.43
CA GLY A 163 -9.32 -14.24 -1.36
C GLY A 163 -9.57 -13.52 -2.67
N ASP A 164 -8.93 -12.38 -2.86
CA ASP A 164 -9.10 -11.59 -4.08
C ASP A 164 -8.27 -12.13 -5.20
N GLU A 165 -8.72 -11.92 -6.43
CA GLU A 165 -7.99 -12.38 -7.61
C GLU A 165 -7.68 -11.23 -8.56
N VAL A 166 -6.42 -11.13 -8.95
CA VAL A 166 -5.96 -10.09 -9.86
C VAL A 166 -6.36 -10.48 -11.28
N GLU A 167 -6.84 -9.51 -12.04
CA GLU A 167 -7.27 -9.77 -13.39
C GLU A 167 -6.43 -9.01 -14.42
N LYS A 168 -6.05 -7.79 -14.08
CA LYS A 168 -5.25 -6.97 -14.99
C LYS A 168 -4.35 -6.00 -14.26
N ILE A 169 -3.04 -6.24 -14.35
CA ILE A 169 -2.07 -5.34 -13.74
C ILE A 169 -1.33 -4.67 -14.88
N GLU A 170 -0.79 -3.49 -14.64
CA GLU A 170 -0.03 -2.82 -15.66
C GLU A 170 0.56 -1.53 -15.11
N GLY A 171 1.84 -1.29 -15.39
CA GLY A 171 2.46 -0.08 -14.90
C GLY A 171 3.73 0.43 -15.53
N ILE A 172 4.18 1.56 -15.02
CA ILE A 172 5.41 2.18 -15.48
C ILE A 172 6.38 1.85 -14.34
N PHE A 173 7.21 0.84 -14.56
CA PHE A 173 8.15 0.35 -13.54
C PHE A 173 9.60 0.84 -13.61
N SER A 174 9.89 1.72 -14.56
CA SER A 174 11.25 2.24 -14.69
C SER A 174 11.29 3.76 -14.65
N GLY A 175 12.01 4.29 -13.66
CA GLY A 175 12.13 5.73 -13.50
C GLY A 175 12.76 6.43 -14.71
N THR A 176 13.86 5.91 -15.23
CA THR A 176 14.50 6.53 -16.36
C THR A 176 13.55 6.60 -17.56
N LEU A 177 12.83 5.51 -17.80
CA LEU A 177 11.89 5.47 -18.91
C LEU A 177 10.71 6.40 -18.63
N SER A 178 10.16 6.31 -17.43
CA SER A 178 9.05 7.14 -17.02
C SER A 178 9.44 8.59 -17.25
N TYR A 179 10.64 8.94 -16.80
CA TYR A 179 11.12 10.30 -16.99
C TYR A 179 11.11 10.68 -18.48
N ILE A 180 11.81 9.90 -19.29
CA ILE A 180 11.87 10.17 -20.72
C ILE A 180 10.51 10.42 -21.36
N PHE A 181 9.59 9.48 -21.21
CA PHE A 181 8.28 9.66 -21.80
C PHE A 181 7.50 10.82 -21.19
N ASN A 182 7.42 10.91 -19.87
CA ASN A 182 6.69 12.03 -19.29
C ASN A 182 7.20 13.33 -19.91
N GLU A 183 8.48 13.32 -20.26
CA GLU A 183 9.11 14.48 -20.88
C GLU A 183 8.86 14.49 -22.37
N PHE A 184 9.10 13.35 -23.01
CA PHE A 184 8.91 13.19 -24.44
C PHE A 184 7.50 13.54 -24.92
N SER A 185 6.55 12.70 -24.55
CA SER A 185 5.16 12.91 -24.96
C SER A 185 4.26 13.36 -23.81
N THR A 186 3.73 14.56 -23.94
CA THR A 186 2.84 15.13 -22.94
C THR A 186 1.50 15.43 -23.60
N SER A 187 0.55 15.93 -22.83
CA SER A 187 -0.76 16.27 -23.38
C SER A 187 -0.56 17.49 -24.29
N GLN A 188 0.19 18.47 -23.77
CA GLN A 188 0.48 19.69 -24.51
C GLN A 188 1.50 19.36 -25.61
N ALA A 189 1.05 19.37 -26.86
CA ALA A 189 1.92 19.07 -27.99
C ALA A 189 3.27 19.76 -27.89
N ASN A 190 4.33 19.03 -28.22
CA ASN A 190 5.68 19.57 -28.16
C ASN A 190 6.56 19.06 -29.31
N ASP A 191 7.58 19.84 -29.62
CA ASP A 191 8.52 19.50 -30.70
C ASP A 191 9.79 18.88 -30.10
N VAL A 192 9.63 17.91 -29.23
CA VAL A 192 10.79 17.28 -28.59
C VAL A 192 11.23 15.97 -29.22
N LYS A 193 12.54 15.86 -29.44
CA LYS A 193 13.15 14.69 -30.05
C LYS A 193 13.61 13.67 -29.01
N PHE A 194 13.15 12.44 -29.19
CA PHE A 194 13.50 11.33 -28.30
C PHE A 194 14.99 11.37 -27.92
N SER A 195 15.85 11.37 -28.93
CA SER A 195 17.30 11.40 -28.71
C SER A 195 17.71 12.50 -27.73
N ASP A 196 17.12 13.69 -27.91
CA ASP A 196 17.43 14.82 -27.04
C ASP A 196 16.99 14.57 -25.60
N VAL A 197 15.88 13.87 -25.42
CA VAL A 197 15.42 13.58 -24.07
C VAL A 197 16.31 12.49 -23.46
N VAL A 198 16.59 11.45 -24.23
CA VAL A 198 17.44 10.38 -23.73
C VAL A 198 18.77 10.94 -23.25
N LYS A 199 19.37 11.82 -24.04
CA LYS A 199 20.65 12.40 -23.68
C LYS A 199 20.59 13.34 -22.48
N VAL A 200 19.55 14.17 -22.40
CA VAL A 200 19.39 15.10 -21.27
C VAL A 200 19.18 14.25 -20.03
N ALA A 201 18.32 13.26 -20.13
CA ALA A 201 18.05 12.39 -19.00
C ALA A 201 19.38 11.81 -18.52
N LYS A 202 20.27 11.52 -19.47
CA LYS A 202 21.57 10.97 -19.12
C LYS A 202 22.39 12.00 -18.36
N LYS A 203 22.58 13.17 -18.95
CA LYS A 203 23.36 14.23 -18.34
C LYS A 203 22.84 14.60 -16.96
N LEU A 204 21.53 14.51 -16.78
CA LEU A 204 20.94 14.83 -15.49
C LEU A 204 21.04 13.65 -14.53
N GLY A 205 21.63 12.55 -15.00
CA GLY A 205 21.82 11.38 -14.16
C GLY A 205 20.67 10.41 -13.97
N TYR A 206 19.60 10.54 -14.75
CA TYR A 206 18.46 9.63 -14.65
C TYR A 206 18.80 8.30 -15.31
N THR A 207 19.78 8.34 -16.19
CA THR A 207 20.22 7.19 -16.94
C THR A 207 21.41 6.47 -16.29
N GLU A 208 21.81 5.35 -16.90
CA GLU A 208 22.97 4.59 -16.45
C GLU A 208 24.04 5.15 -17.37
N PRO A 209 25.32 4.97 -17.03
CA PRO A 209 26.38 5.50 -17.91
C PRO A 209 26.02 5.25 -19.38
N ASP A 210 25.50 4.06 -19.66
CA ASP A 210 25.08 3.72 -21.01
C ASP A 210 23.54 3.69 -20.97
N PRO A 211 22.89 4.62 -21.68
CA PRO A 211 21.43 4.69 -21.72
C PRO A 211 20.75 3.49 -22.35
N ARG A 212 21.53 2.56 -22.90
CA ARG A 212 20.94 1.38 -23.51
C ARG A 212 20.57 0.41 -22.42
N ASP A 213 21.26 0.54 -21.28
CA ASP A 213 20.99 -0.33 -20.14
C ASP A 213 19.59 -0.04 -19.64
N ASP A 214 19.04 1.08 -20.08
CA ASP A 214 17.69 1.48 -19.70
C ASP A 214 16.73 1.31 -20.87
N LEU A 215 17.19 1.56 -22.09
CA LEU A 215 16.32 1.44 -23.25
C LEU A 215 15.98 0.03 -23.69
N ASN A 216 16.77 -0.96 -23.32
CA ASN A 216 16.45 -2.32 -23.74
C ASN A 216 15.21 -2.89 -23.05
N GLY A 217 14.59 -2.08 -22.20
CA GLY A 217 13.38 -2.50 -21.48
C GLY A 217 13.52 -3.78 -20.68
N LEU A 218 14.75 -4.20 -20.41
CA LEU A 218 15.02 -5.42 -19.66
C LEU A 218 14.66 -5.35 -18.17
N ASP A 219 14.91 -4.20 -17.55
CA ASP A 219 14.60 -4.07 -16.14
C ASP A 219 13.10 -4.05 -15.97
N VAL A 220 12.41 -3.53 -16.97
CA VAL A 220 10.96 -3.48 -16.91
C VAL A 220 10.44 -4.90 -17.02
N ALA A 221 11.18 -5.75 -17.72
CA ALA A 221 10.77 -7.14 -17.91
C ALA A 221 10.88 -7.95 -16.62
N ARG A 222 11.99 -7.82 -15.91
CA ARG A 222 12.21 -8.55 -14.66
C ARG A 222 11.20 -8.11 -13.57
N LYS A 223 10.87 -6.83 -13.59
CA LYS A 223 9.94 -6.27 -12.62
C LYS A 223 8.53 -6.75 -12.92
N VAL A 224 8.25 -7.00 -14.19
CA VAL A 224 6.92 -7.49 -14.56
C VAL A 224 6.87 -9.01 -14.39
N THR A 225 8.03 -9.65 -14.48
CA THR A 225 8.08 -11.09 -14.30
C THR A 225 7.71 -11.37 -12.86
N ILE A 226 8.12 -10.48 -11.96
CA ILE A 226 7.83 -10.64 -10.54
C ILE A 226 6.35 -10.47 -10.27
N VAL A 227 5.79 -9.34 -10.66
CA VAL A 227 4.38 -9.05 -10.46
C VAL A 227 3.51 -10.11 -11.14
N GLY A 228 3.89 -10.48 -12.36
CA GLY A 228 3.13 -11.49 -13.05
C GLY A 228 2.99 -12.74 -12.19
N ARG A 229 4.12 -13.21 -11.68
CA ARG A 229 4.11 -14.40 -10.85
C ARG A 229 3.29 -14.21 -9.58
N ILE A 230 3.43 -13.05 -8.93
CA ILE A 230 2.67 -12.84 -7.71
C ILE A 230 1.18 -12.93 -8.00
N SER A 231 0.81 -12.64 -9.24
CA SER A 231 -0.59 -12.67 -9.67
C SER A 231 -1.13 -14.02 -10.20
N GLY A 232 -0.25 -15.00 -10.40
CA GLY A 232 -0.75 -16.28 -10.89
C GLY A 232 -0.30 -16.67 -12.30
N VAL A 233 0.53 -15.84 -12.92
CA VAL A 233 1.02 -16.15 -14.25
C VAL A 233 2.40 -16.75 -14.05
N GLU A 234 2.53 -18.04 -14.36
CA GLU A 234 3.80 -18.73 -14.21
C GLU A 234 4.78 -18.41 -15.34
N VAL A 235 5.29 -17.18 -15.35
CA VAL A 235 6.24 -16.74 -16.36
C VAL A 235 7.55 -17.52 -16.27
N GLU A 236 7.93 -18.14 -17.38
CA GLU A 236 9.16 -18.94 -17.44
C GLU A 236 10.39 -18.07 -17.25
N SER A 237 10.32 -16.80 -17.65
CA SER A 237 11.47 -15.91 -17.52
C SER A 237 11.21 -14.52 -18.08
N PRO A 238 12.04 -13.54 -17.69
CA PRO A 238 11.89 -12.15 -18.17
C PRO A 238 12.04 -12.11 -19.69
N THR A 239 12.37 -13.25 -20.27
CA THR A 239 12.56 -13.33 -21.71
C THR A 239 11.73 -14.45 -22.34
N SER A 240 10.46 -14.52 -21.98
CA SER A 240 9.58 -15.53 -22.54
C SER A 240 8.31 -14.86 -23.02
N PHE A 241 8.42 -13.56 -23.31
CA PHE A 241 7.28 -12.77 -23.77
C PHE A 241 7.74 -11.49 -24.47
N PRO A 242 6.86 -10.86 -25.25
CA PRO A 242 7.19 -9.63 -25.98
C PRO A 242 7.76 -8.53 -25.09
N VAL A 243 8.98 -8.09 -25.41
CA VAL A 243 9.64 -7.03 -24.65
C VAL A 243 10.25 -6.03 -25.62
N GLN A 244 9.42 -5.08 -26.07
CA GLN A 244 9.85 -4.05 -27.01
C GLN A 244 11.01 -3.22 -26.50
N SER A 245 12.03 -3.07 -27.33
CA SER A 245 13.20 -2.28 -26.97
C SER A 245 13.08 -0.89 -27.55
N LEU A 246 13.62 0.08 -26.83
CA LEU A 246 13.60 1.46 -27.27
C LEU A 246 14.91 1.74 -27.99
N ILE A 247 15.78 0.75 -28.05
CA ILE A 247 17.05 0.90 -28.73
C ILE A 247 16.75 0.86 -30.23
N PRO A 248 17.22 1.87 -30.98
CA PRO A 248 17.04 2.00 -32.42
C PRO A 248 17.05 0.65 -33.11
N LYS A 249 15.95 -0.08 -32.96
CA LYS A 249 15.82 -1.41 -33.53
C LYS A 249 17.16 -2.11 -33.21
N PRO A 250 17.59 -3.09 -34.01
CA PRO A 250 18.88 -3.64 -33.57
C PRO A 250 19.99 -2.58 -33.49
N LEU A 251 21.00 -2.68 -34.36
CA LEU A 251 22.10 -1.71 -34.32
C LEU A 251 22.50 -1.53 -32.85
N GLU A 252 22.56 -2.65 -32.14
CA GLU A 252 22.90 -2.66 -30.72
C GLU A 252 24.37 -2.94 -30.44
N SER A 253 24.79 -4.20 -30.57
CA SER A 253 26.18 -4.59 -30.33
C SER A 253 27.11 -3.88 -31.30
N VAL A 254 26.60 -3.65 -32.51
CA VAL A 254 27.36 -3.02 -33.57
C VAL A 254 28.10 -1.73 -33.17
N LYS A 255 27.59 -1.00 -32.17
CA LYS A 255 28.22 0.24 -31.74
C LYS A 255 28.80 0.17 -30.32
N SER A 256 28.78 1.31 -29.62
CA SER A 256 29.28 1.39 -28.26
C SER A 256 28.83 2.68 -27.56
N ALA A 257 28.82 2.65 -26.23
CA ALA A 257 28.42 3.76 -25.39
C ALA A 257 28.17 5.09 -26.09
N ASP A 258 29.15 5.99 -25.95
CA ASP A 258 29.07 7.32 -26.53
C ASP A 258 28.56 7.37 -27.98
N GLU A 259 28.94 6.38 -28.77
CA GLU A 259 28.54 6.34 -30.18
C GLU A 259 27.06 6.11 -30.37
N PHE A 260 26.50 5.20 -29.56
CA PHE A 260 25.07 4.89 -29.61
C PHE A 260 24.27 6.18 -29.56
N LEU A 261 24.48 6.95 -28.51
CA LEU A 261 23.79 8.22 -28.33
C LEU A 261 23.88 9.08 -29.58
N GLU A 262 25.09 9.57 -29.87
CA GLU A 262 25.29 10.43 -31.02
C GLU A 262 24.70 9.92 -32.33
N LYS A 263 24.59 8.61 -32.48
CA LYS A 263 24.00 8.05 -33.69
C LYS A 263 22.50 7.82 -33.52
N LEU A 264 22.03 7.87 -32.27
CA LEU A 264 20.61 7.65 -31.96
C LEU A 264 19.65 8.60 -32.68
N SER A 265 20.06 9.86 -32.79
CA SER A 265 19.24 10.89 -33.41
C SER A 265 18.98 10.68 -34.90
N ASP A 266 18.88 9.42 -35.33
CA ASP A 266 18.64 9.10 -36.74
C ASP A 266 17.32 8.35 -36.96
N TYR A 267 16.73 7.89 -35.86
CA TYR A 267 15.50 7.11 -35.93
C TYR A 267 14.31 7.86 -35.33
N ASP A 268 14.61 8.93 -34.60
CA ASP A 268 13.60 9.76 -33.95
C ASP A 268 12.31 9.89 -34.76
N LYS A 269 12.43 10.04 -36.07
CA LYS A 269 11.26 10.19 -36.92
C LYS A 269 10.17 9.16 -36.64
N ASP A 270 10.58 7.93 -36.34
CA ASP A 270 9.62 6.85 -36.04
C ASP A 270 8.81 7.16 -34.80
N LEU A 271 9.50 7.32 -33.67
CA LEU A 271 8.86 7.63 -32.40
C LEU A 271 8.14 8.96 -32.42
N THR A 272 8.72 9.94 -33.12
CA THR A 272 8.11 11.26 -33.21
C THR A 272 6.79 11.20 -33.94
N GLN A 273 6.71 10.29 -34.91
CA GLN A 273 5.49 10.11 -35.68
C GLN A 273 4.45 9.41 -34.82
N LEU A 274 4.92 8.45 -34.03
CA LEU A 274 4.05 7.71 -33.12
C LEU A 274 3.47 8.66 -32.08
N LYS A 275 4.31 9.56 -31.59
CA LYS A 275 3.89 10.54 -30.59
C LYS A 275 2.82 11.47 -31.16
N LYS A 276 2.88 11.68 -32.48
CA LYS A 276 1.92 12.54 -33.15
C LYS A 276 0.57 11.87 -33.34
N GLU A 277 0.54 10.77 -34.09
CA GLU A 277 -0.71 10.06 -34.33
C GLU A 277 -1.51 9.88 -33.06
N ALA A 278 -0.87 9.28 -32.06
CA ALA A 278 -1.52 9.03 -30.77
C ALA A 278 -2.06 10.33 -30.21
N ALA A 279 -1.31 11.42 -30.39
CA ALA A 279 -1.72 12.72 -29.89
C ALA A 279 -3.07 13.13 -30.49
N THR A 280 -3.27 12.76 -31.75
CA THR A 280 -4.51 13.07 -32.45
C THR A 280 -5.69 12.45 -31.71
N GLU A 281 -5.45 11.32 -31.05
CA GLU A 281 -6.48 10.62 -30.30
C GLU A 281 -6.56 11.09 -28.84
N ASN A 282 -6.06 12.29 -28.57
CA ASN A 282 -6.08 12.83 -27.21
C ASN A 282 -5.31 11.89 -26.28
N LYS A 283 -4.38 11.13 -26.84
CA LYS A 283 -3.60 10.18 -26.04
C LYS A 283 -2.12 10.53 -25.92
N VAL A 284 -1.41 9.72 -25.14
CA VAL A 284 0.01 9.92 -24.89
C VAL A 284 0.78 8.60 -24.96
N LEU A 285 2.09 8.69 -24.89
CA LEU A 285 2.93 7.50 -24.96
C LEU A 285 3.58 7.16 -23.62
N ARG A 286 3.61 5.88 -23.29
CA ARG A 286 4.21 5.42 -22.04
C ARG A 286 4.78 4.02 -22.21
N PHE A 287 5.94 3.77 -21.60
CA PHE A 287 6.57 2.47 -21.67
C PHE A 287 6.03 1.73 -20.47
N ILE A 288 5.32 0.63 -20.70
CA ILE A 288 4.71 -0.11 -19.60
C ILE A 288 4.97 -1.60 -19.55
N GLY A 289 4.38 -2.22 -18.54
CA GLY A 289 4.50 -3.65 -18.32
C GLY A 289 3.10 -4.19 -18.08
N LYS A 290 2.42 -4.54 -19.16
CA LYS A 290 1.08 -5.07 -19.08
C LYS A 290 1.13 -6.48 -18.54
N VAL A 291 0.04 -6.91 -17.91
CA VAL A 291 -0.04 -8.26 -17.35
C VAL A 291 -1.48 -8.70 -17.33
N ASP A 292 -1.84 -9.61 -18.23
CA ASP A 292 -3.20 -10.11 -18.28
C ASP A 292 -3.26 -11.53 -17.72
N VAL A 293 -4.08 -11.74 -16.70
CA VAL A 293 -4.17 -13.05 -16.08
C VAL A 293 -5.00 -14.08 -16.83
N ALA A 294 -6.23 -13.72 -17.17
CA ALA A 294 -7.09 -14.65 -17.90
C ALA A 294 -6.31 -15.20 -19.08
N THR A 295 -5.90 -14.33 -20.00
CA THR A 295 -5.15 -14.81 -21.15
C THR A 295 -3.71 -15.18 -20.78
N LYS A 296 -3.29 -14.86 -19.56
CA LYS A 296 -1.93 -15.14 -19.11
C LYS A 296 -0.94 -14.57 -20.13
N SER A 297 -1.03 -13.25 -20.36
CA SER A 297 -0.16 -12.56 -21.30
C SER A 297 0.60 -11.40 -20.69
N VAL A 298 1.90 -11.56 -20.55
CA VAL A 298 2.73 -10.52 -20.00
C VAL A 298 3.47 -9.89 -21.16
N SER A 299 3.37 -8.58 -21.31
CA SER A 299 4.08 -7.92 -22.40
C SER A 299 4.80 -6.70 -21.84
N VAL A 300 5.58 -6.03 -22.69
CA VAL A 300 6.32 -4.84 -22.32
C VAL A 300 6.53 -4.05 -23.60
N GLY A 301 6.44 -2.72 -23.51
CA GLY A 301 6.62 -1.88 -24.67
C GLY A 301 5.76 -0.64 -24.55
N ILE A 302 5.59 0.08 -25.64
CA ILE A 302 4.79 1.29 -25.63
C ILE A 302 3.28 1.00 -25.69
N GLU A 303 2.50 1.96 -25.21
CA GLU A 303 1.05 1.86 -25.18
C GLU A 303 0.53 3.28 -25.13
N LYS A 304 -0.67 3.49 -25.65
CA LYS A 304 -1.26 4.82 -25.66
C LYS A 304 -2.16 5.00 -24.45
N TYR A 305 -2.27 6.23 -23.96
CA TYR A 305 -3.10 6.54 -22.79
C TYR A 305 -3.81 7.88 -22.87
N ASP A 306 -5.14 7.88 -22.74
CA ASP A 306 -5.89 9.13 -22.82
C ASP A 306 -5.40 10.12 -21.77
N TYR A 307 -5.45 11.40 -22.12
CA TYR A 307 -5.00 12.45 -21.22
C TYR A 307 -5.72 12.30 -19.88
N SER A 308 -6.96 11.85 -19.93
CA SER A 308 -7.77 11.63 -18.72
C SER A 308 -7.03 10.70 -17.76
N HIS A 309 -6.51 9.62 -18.32
CA HIS A 309 -5.79 8.61 -17.58
C HIS A 309 -4.72 9.15 -16.63
N PRO A 310 -4.53 8.48 -15.48
CA PRO A 310 -3.51 8.92 -14.52
C PRO A 310 -2.08 8.62 -14.99
N PHE A 311 -1.89 7.63 -15.86
CA PHE A 311 -0.56 7.32 -16.38
C PHE A 311 -0.12 8.52 -17.20
N ALA A 312 -1.10 9.34 -17.58
CA ALA A 312 -0.87 10.51 -18.38
C ALA A 312 -0.41 11.74 -17.60
N SER A 313 -0.64 11.76 -16.29
CA SER A 313 -0.26 12.93 -15.50
C SER A 313 0.83 12.70 -14.48
N LEU A 314 1.74 11.77 -14.76
CA LEU A 314 2.78 11.47 -13.79
C LEU A 314 3.74 12.61 -13.57
N LYS A 315 4.33 12.65 -12.38
CA LYS A 315 5.31 13.67 -12.00
C LYS A 315 6.73 13.12 -12.09
N GLY A 316 7.69 14.02 -12.20
CA GLY A 316 9.09 13.63 -12.29
C GLY A 316 9.28 12.32 -13.01
N SER A 317 9.91 11.36 -12.33
CA SER A 317 10.16 10.03 -12.88
C SER A 317 9.40 8.96 -12.09
N ASP A 318 8.26 9.35 -11.52
CA ASP A 318 7.44 8.45 -10.71
C ASP A 318 6.98 7.15 -11.39
N ASN A 319 6.77 6.13 -10.57
CA ASN A 319 6.29 4.82 -11.03
C ASN A 319 4.79 4.79 -10.85
N VAL A 320 4.13 3.93 -11.61
CA VAL A 320 2.69 3.78 -11.51
C VAL A 320 2.36 2.34 -11.76
N ILE A 321 1.27 1.88 -11.14
CA ILE A 321 0.81 0.52 -11.30
C ILE A 321 -0.68 0.55 -11.07
N SER A 322 -1.39 -0.13 -11.96
CA SER A 322 -2.83 -0.20 -11.85
C SER A 322 -3.15 -1.65 -11.52
N ILE A 323 -4.11 -1.85 -10.61
CA ILE A 323 -4.47 -3.20 -10.22
C ILE A 323 -5.97 -3.51 -10.24
N LYS A 324 -6.40 -4.20 -11.29
CA LYS A 324 -7.80 -4.60 -11.41
C LYS A 324 -7.87 -5.99 -10.81
N THR A 325 -8.91 -6.22 -10.02
CA THR A 325 -9.08 -7.50 -9.38
C THR A 325 -10.57 -7.81 -9.44
N LYS A 326 -10.92 -9.01 -9.00
CA LYS A 326 -12.29 -9.44 -8.94
C LYS A 326 -13.01 -8.43 -8.02
N ARG A 327 -12.33 -8.06 -6.93
CA ARG A 327 -12.90 -7.10 -5.98
C ARG A 327 -12.78 -5.65 -6.43
N TYR A 328 -11.57 -5.22 -6.81
CA TYR A 328 -11.38 -3.84 -7.28
C TYR A 328 -11.61 -3.74 -8.79
N THR A 329 -12.86 -3.92 -9.22
CA THR A 329 -13.25 -3.84 -10.62
C THR A 329 -12.73 -2.55 -11.25
N ASN A 330 -12.58 -1.52 -10.42
CA ASN A 330 -12.05 -0.22 -10.81
C ASN A 330 -10.69 -0.14 -10.13
N PRO A 331 -9.62 -0.20 -10.94
CA PRO A 331 -8.19 -0.17 -10.58
C PRO A 331 -7.71 0.65 -9.38
N VAL A 332 -6.85 0.03 -8.58
CA VAL A 332 -6.22 0.71 -7.46
C VAL A 332 -4.91 1.24 -8.04
N VAL A 333 -4.77 2.56 -8.11
CA VAL A 333 -3.56 3.18 -8.66
C VAL A 333 -2.64 3.74 -7.58
N ILE A 334 -1.37 3.32 -7.64
CA ILE A 334 -0.37 3.76 -6.69
C ILE A 334 0.76 4.33 -7.52
N GLN A 335 1.06 5.61 -7.32
CA GLN A 335 2.12 6.25 -8.08
C GLN A 335 3.06 7.04 -7.15
N GLY A 336 4.35 7.05 -7.47
CA GLY A 336 5.31 7.77 -6.67
C GLY A 336 6.71 7.33 -7.04
N ALA A 337 7.71 7.96 -6.42
CA ALA A 337 9.10 7.64 -6.67
C ALA A 337 9.32 6.12 -6.60
N GLY A 338 9.76 5.54 -7.71
CA GLY A 338 9.99 4.11 -7.74
C GLY A 338 11.47 3.84 -7.78
N ALA A 339 12.22 4.83 -7.32
CA ALA A 339 13.67 4.77 -7.30
C ALA A 339 14.12 5.86 -6.34
N GLY A 340 15.37 5.82 -5.92
CA GLY A 340 15.87 6.82 -5.00
C GLY A 340 16.50 6.16 -3.79
N ALA A 341 17.67 6.65 -3.42
CA ALA A 341 18.41 6.10 -2.30
C ALA A 341 17.54 5.84 -1.07
N ALA A 342 17.13 6.91 -0.40
CA ALA A 342 16.35 6.81 0.82
C ALA A 342 14.99 6.18 0.71
N VAL A 343 14.31 6.35 -0.41
CA VAL A 343 12.97 5.74 -0.54
C VAL A 343 13.06 4.25 -0.80
N THR A 344 14.05 3.84 -1.57
CA THR A 344 14.28 2.44 -1.86
C THR A 344 14.69 1.72 -0.58
N ALA A 345 15.64 2.31 0.16
CA ALA A 345 16.10 1.72 1.41
C ALA A 345 14.96 1.63 2.44
N ALA A 346 14.16 2.66 2.55
CA ALA A 346 13.04 2.63 3.48
C ALA A 346 12.20 1.39 3.18
N GLY A 347 11.97 1.11 1.90
CA GLY A 347 11.18 -0.04 1.49
C GLY A 347 11.78 -1.34 1.96
N VAL A 348 13.11 -1.41 1.94
CA VAL A 348 13.81 -2.60 2.39
C VAL A 348 13.71 -2.72 3.93
N LEU A 349 13.95 -1.61 4.64
CA LEU A 349 13.87 -1.64 6.10
C LEU A 349 12.42 -1.88 6.47
N GLY A 350 11.52 -1.50 5.57
CA GLY A 350 10.11 -1.73 5.85
C GLY A 350 9.82 -3.23 5.93
N ASP A 351 10.48 -3.99 5.04
CA ASP A 351 10.34 -5.44 4.99
C ASP A 351 11.02 -6.05 6.20
N VAL A 352 12.14 -5.45 6.60
CA VAL A 352 12.87 -5.97 7.76
C VAL A 352 11.94 -5.93 8.96
N ILE A 353 11.33 -4.77 9.18
CA ILE A 353 10.39 -4.57 10.29
C ILE A 353 9.27 -5.61 10.24
N LYS A 354 8.74 -5.84 9.05
CA LYS A 354 7.65 -6.80 8.88
C LYS A 354 8.09 -8.21 9.27
N ILE A 355 9.35 -8.55 8.97
CA ILE A 355 9.89 -9.87 9.29
C ILE A 355 10.24 -10.03 10.75
N ALA A 356 10.94 -9.04 11.32
CA ALA A 356 11.28 -9.12 12.73
C ALA A 356 9.98 -9.31 13.49
N GLN A 357 8.98 -8.50 13.18
CA GLN A 357 7.68 -8.60 13.85
C GLN A 357 7.09 -10.01 13.75
N ARG A 358 7.34 -10.67 12.62
CA ARG A 358 6.80 -12.01 12.38
C ARG A 358 7.57 -13.12 13.09
N LEU A 359 8.84 -12.88 13.40
CA LEU A 359 9.65 -13.88 14.08
C LEU A 359 9.37 -13.88 15.58
N SER B 2 3.34 -28.29 16.22
CA SER B 2 2.51 -28.17 15.00
C SER B 2 2.19 -26.71 14.62
N THR B 3 1.10 -26.54 13.89
CA THR B 3 0.63 -25.26 13.42
C THR B 3 0.39 -24.23 14.52
N LYS B 4 0.69 -22.97 14.21
CA LYS B 4 0.48 -21.85 15.12
C LYS B 4 -0.99 -21.46 15.01
N VAL B 5 -1.64 -21.31 16.16
CA VAL B 5 -3.04 -20.97 16.17
C VAL B 5 -3.31 -19.63 16.84
N VAL B 6 -4.39 -19.00 16.39
CA VAL B 6 -4.85 -17.72 16.90
C VAL B 6 -6.36 -17.83 16.91
N ASN B 7 -6.97 -17.47 18.04
CA ASN B 7 -8.44 -17.52 18.17
C ASN B 7 -9.04 -16.15 17.86
N VAL B 8 -10.12 -16.16 17.09
CA VAL B 8 -10.76 -14.93 16.70
C VAL B 8 -12.17 -14.81 17.28
N ALA B 9 -12.50 -13.61 17.74
CA ALA B 9 -13.82 -13.33 18.29
C ALA B 9 -14.37 -12.19 17.42
N VAL B 10 -15.51 -12.44 16.77
CA VAL B 10 -16.11 -11.45 15.89
C VAL B 10 -17.43 -10.88 16.37
N ILE B 11 -17.57 -9.55 16.29
CA ILE B 11 -18.81 -8.87 16.66
C ILE B 11 -19.38 -8.18 15.43
N GLY B 12 -20.58 -8.60 15.02
CA GLY B 12 -21.21 -7.96 13.87
C GLY B 12 -21.05 -8.78 12.62
N ALA B 13 -22.17 -9.02 11.94
CA ALA B 13 -22.17 -9.81 10.70
C ALA B 13 -22.98 -9.07 9.66
N GLY B 14 -22.81 -7.76 9.61
CA GLY B 14 -23.55 -6.98 8.65
C GLY B 14 -23.03 -7.23 7.26
N VAL B 15 -22.89 -6.13 6.51
CA VAL B 15 -22.41 -6.17 5.14
C VAL B 15 -20.92 -6.46 5.12
N VAL B 16 -20.20 -5.72 5.97
CA VAL B 16 -18.76 -5.86 6.07
C VAL B 16 -18.42 -7.14 6.83
N GLY B 17 -19.15 -7.38 7.90
CA GLY B 17 -18.92 -8.56 8.72
C GLY B 17 -19.16 -9.89 8.03
N SER B 18 -20.12 -9.94 7.11
CA SER B 18 -20.38 -11.20 6.41
C SER B 18 -19.27 -11.45 5.41
N ALA B 19 -18.85 -10.39 4.72
CA ALA B 19 -17.77 -10.53 3.77
C ALA B 19 -16.54 -11.05 4.54
N PHE B 20 -16.20 -10.39 5.65
CA PHE B 20 -15.05 -10.78 6.47
C PHE B 20 -15.12 -12.24 6.93
N LEU B 21 -16.28 -12.65 7.47
CA LEU B 21 -16.45 -14.01 7.92
C LEU B 21 -16.21 -15.00 6.76
N ASP B 22 -16.83 -14.70 5.62
CA ASP B 22 -16.68 -15.54 4.45
C ASP B 22 -15.20 -15.69 4.11
N GLN B 23 -14.58 -14.56 3.82
CA GLN B 23 -13.16 -14.54 3.47
C GLN B 23 -12.32 -15.20 4.56
N LEU B 24 -12.67 -14.95 5.82
CA LEU B 24 -11.96 -15.53 6.94
C LEU B 24 -12.07 -17.05 6.97
N LEU B 25 -13.30 -17.55 6.86
CA LEU B 25 -13.51 -19.00 6.88
C LEU B 25 -12.92 -19.70 5.66
N ALA B 26 -12.67 -18.94 4.60
CA ALA B 26 -12.13 -19.51 3.37
C ALA B 26 -10.61 -19.40 3.27
N MET B 27 -10.05 -18.37 3.91
CA MET B 27 -8.63 -18.12 3.86
C MET B 27 -7.70 -19.31 4.09
N LYS B 28 -6.86 -19.58 3.10
CA LYS B 28 -5.88 -20.65 3.16
C LYS B 28 -4.57 -20.03 3.69
N SER B 29 -3.93 -20.68 4.65
CA SER B 29 -2.69 -20.14 5.22
C SER B 29 -2.00 -21.17 6.08
N THR B 30 -0.77 -20.86 6.49
CA THR B 30 -0.04 -21.79 7.32
C THR B 30 -0.37 -21.53 8.80
N ILE B 31 -0.87 -20.34 9.11
CA ILE B 31 -1.26 -20.07 10.49
C ILE B 31 -2.72 -20.46 10.56
N THR B 32 -3.18 -20.86 11.74
CA THR B 32 -4.55 -21.28 11.91
C THR B 32 -5.43 -20.21 12.55
N TYR B 33 -6.38 -19.69 11.80
CA TYR B 33 -7.30 -18.68 12.30
C TYR B 33 -8.56 -19.37 12.77
N ASN B 34 -8.57 -19.69 14.05
CA ASN B 34 -9.67 -20.40 14.69
C ASN B 34 -10.81 -19.51 15.16
N LEU B 35 -11.93 -19.59 14.47
CA LEU B 35 -13.11 -18.81 14.82
C LEU B 35 -13.78 -19.42 16.06
N VAL B 36 -13.67 -18.72 17.18
CA VAL B 36 -14.23 -19.20 18.45
C VAL B 36 -15.50 -18.47 18.88
N LEU B 37 -15.68 -17.25 18.38
CA LEU B 37 -16.85 -16.47 18.77
C LEU B 37 -17.40 -15.64 17.62
N LEU B 38 -18.71 -15.44 17.64
CA LEU B 38 -19.37 -14.63 16.64
C LEU B 38 -20.63 -14.07 17.29
N ALA B 39 -20.78 -12.75 17.19
CA ALA B 39 -21.92 -12.09 17.80
C ALA B 39 -22.62 -11.10 16.86
N GLU B 40 -23.94 -11.29 16.69
CA GLU B 40 -24.77 -10.40 15.89
C GLU B 40 -26.03 -10.15 16.67
N ALA B 41 -26.19 -8.91 17.14
CA ALA B 41 -27.36 -8.54 17.92
C ALA B 41 -27.45 -9.46 19.12
N GLU B 42 -28.63 -9.95 19.44
CA GLU B 42 -28.81 -10.82 20.60
C GLU B 42 -28.32 -12.26 20.41
N ARG B 43 -28.50 -12.81 19.22
CA ARG B 43 -28.06 -14.19 18.97
C ARG B 43 -26.54 -14.21 18.93
N SER B 44 -25.95 -15.31 19.36
CA SER B 44 -24.49 -15.41 19.37
C SER B 44 -23.99 -16.86 19.43
N LEU B 45 -22.86 -17.11 18.76
CA LEU B 45 -22.23 -18.43 18.71
C LEU B 45 -20.99 -18.36 19.57
N ILE B 46 -20.99 -19.13 20.65
CA ILE B 46 -19.86 -19.15 21.56
C ILE B 46 -19.33 -20.58 21.76
N SER B 47 -18.10 -20.81 21.31
CA SER B 47 -17.48 -22.13 21.46
C SER B 47 -16.83 -22.15 22.84
N LYS B 48 -17.61 -22.56 23.85
CA LYS B 48 -17.13 -22.61 25.24
C LYS B 48 -15.82 -23.36 25.37
N ASP B 49 -15.70 -24.37 24.51
CA ASP B 49 -14.56 -25.28 24.44
C ASP B 49 -13.29 -24.67 23.83
N PHE B 50 -13.50 -23.72 22.92
CA PHE B 50 -12.47 -23.00 22.17
C PHE B 50 -12.03 -23.72 20.91
N SER B 51 -12.85 -24.67 20.50
CA SER B 51 -12.61 -25.40 19.28
C SER B 51 -13.28 -24.50 18.22
N PRO B 52 -13.03 -24.76 16.93
CA PRO B 52 -13.63 -23.93 15.89
C PRO B 52 -15.15 -24.03 15.89
N LEU B 53 -15.82 -22.88 15.86
CA LEU B 53 -17.28 -22.85 15.83
C LEU B 53 -17.76 -23.83 14.79
N ASN B 54 -18.72 -24.67 15.15
CA ASN B 54 -19.24 -25.65 14.19
C ASN B 54 -20.25 -24.96 13.27
N VAL B 55 -19.71 -24.24 12.30
CA VAL B 55 -20.51 -23.51 11.33
C VAL B 55 -20.83 -24.43 10.15
N GLY B 56 -20.38 -25.67 10.28
CA GLY B 56 -20.59 -26.65 9.23
C GLY B 56 -20.16 -26.04 7.91
N SER B 57 -21.15 -25.71 7.10
CA SER B 57 -20.89 -25.10 5.81
C SER B 57 -21.91 -23.98 5.58
N ASP B 58 -22.28 -23.30 6.68
CA ASP B 58 -23.23 -22.20 6.62
C ASP B 58 -23.39 -21.49 7.96
N TRP B 59 -22.41 -20.67 8.33
CA TRP B 59 -22.46 -19.95 9.59
C TRP B 59 -23.74 -19.11 9.73
N LYS B 60 -24.33 -18.72 8.61
CA LYS B 60 -25.56 -17.94 8.64
C LYS B 60 -26.63 -18.71 9.41
N ALA B 61 -26.97 -19.90 8.92
CA ALA B 61 -27.97 -20.73 9.60
C ALA B 61 -27.53 -20.96 11.04
N ALA B 62 -26.28 -21.35 11.22
CA ALA B 62 -25.75 -21.60 12.55
C ALA B 62 -26.03 -20.40 13.46
N LEU B 63 -25.78 -19.19 12.96
CA LEU B 63 -26.01 -17.99 13.75
C LEU B 63 -27.51 -17.79 13.99
N ALA B 64 -28.32 -18.18 13.01
CA ALA B 64 -29.79 -18.07 13.10
C ALA B 64 -30.37 -18.93 14.21
N ALA B 65 -30.17 -20.23 14.11
CA ALA B 65 -30.70 -21.19 15.09
C ALA B 65 -30.09 -21.14 16.49
N SER B 66 -29.15 -20.22 16.73
CA SER B 66 -28.52 -20.13 18.06
C SER B 66 -29.50 -19.53 19.06
N THR B 67 -29.35 -19.92 20.31
CA THR B 67 -30.20 -19.41 21.37
C THR B 67 -29.29 -18.94 22.50
N THR B 68 -28.01 -18.79 22.18
CA THR B 68 -27.04 -18.33 23.15
C THR B 68 -27.09 -16.82 23.09
N LYS B 69 -27.52 -16.21 24.18
CA LYS B 69 -27.62 -14.76 24.19
C LYS B 69 -26.22 -14.18 24.10
N THR B 70 -26.14 -12.94 23.61
CA THR B 70 -24.89 -12.22 23.48
C THR B 70 -24.36 -11.83 24.84
N LEU B 71 -23.09 -12.10 25.09
CA LEU B 71 -22.49 -11.78 26.39
C LEU B 71 -22.24 -10.32 26.69
N PRO B 72 -22.64 -9.87 27.88
CA PRO B 72 -22.41 -8.48 28.27
C PRO B 72 -20.89 -8.27 28.09
N LEU B 73 -20.50 -7.08 27.64
CA LEU B 73 -19.10 -6.83 27.39
C LEU B 73 -18.10 -7.31 28.41
N ASP B 74 -18.28 -6.98 29.69
CA ASP B 74 -17.34 -7.42 30.71
C ASP B 74 -17.19 -8.92 30.68
N ASP B 75 -18.31 -9.57 30.45
CA ASP B 75 -18.34 -11.01 30.38
C ASP B 75 -17.64 -11.46 29.11
N LEU B 76 -17.65 -10.59 28.09
CA LEU B 76 -16.99 -10.93 26.84
C LEU B 76 -15.48 -10.93 27.02
N ILE B 77 -14.98 -10.06 27.88
CA ILE B 77 -13.56 -9.99 28.16
C ILE B 77 -13.15 -11.19 29.03
N ALA B 78 -13.86 -11.37 30.14
CA ALA B 78 -13.58 -12.47 31.06
C ALA B 78 -13.52 -13.79 30.29
N HIS B 79 -14.47 -13.99 29.39
CA HIS B 79 -14.49 -15.20 28.60
C HIS B 79 -13.21 -15.30 27.78
N LEU B 80 -13.05 -14.34 26.88
CA LEU B 80 -11.88 -14.28 26.01
C LEU B 80 -10.58 -14.46 26.77
N LYS B 81 -10.54 -13.96 28.00
CA LYS B 81 -9.33 -14.07 28.81
C LYS B 81 -8.97 -15.48 29.23
N THR B 82 -9.87 -16.43 29.02
CA THR B 82 -9.57 -17.80 29.40
C THR B 82 -9.21 -18.69 28.23
N SER B 83 -8.86 -18.07 27.11
CA SER B 83 -8.50 -18.80 25.90
C SER B 83 -7.09 -19.40 25.99
N PRO B 84 -6.89 -20.59 25.38
CA PRO B 84 -5.62 -21.30 25.36
C PRO B 84 -4.67 -20.63 24.39
N LYS B 85 -5.21 -19.79 23.52
CA LYS B 85 -4.40 -19.09 22.52
C LYS B 85 -4.69 -17.60 22.47
N PRO B 86 -3.82 -16.83 21.79
CA PRO B 86 -4.02 -15.38 21.66
C PRO B 86 -5.34 -15.07 20.97
N VAL B 87 -6.11 -14.15 21.56
CA VAL B 87 -7.38 -13.75 21.00
C VAL B 87 -7.27 -12.47 20.18
N ILE B 88 -8.04 -12.43 19.11
CA ILE B 88 -8.10 -11.25 18.24
C ILE B 88 -9.58 -10.88 18.10
N LEU B 89 -9.96 -9.73 18.64
CA LEU B 89 -11.33 -9.30 18.54
C LEU B 89 -11.49 -8.57 17.22
N VAL B 90 -12.50 -8.97 16.46
CA VAL B 90 -12.77 -8.34 15.17
C VAL B 90 -14.14 -7.67 15.31
N ASP B 91 -14.09 -6.40 15.69
CA ASP B 91 -15.27 -5.59 15.88
C ASP B 91 -15.76 -5.04 14.53
N ASN B 92 -16.75 -5.72 13.95
CA ASN B 92 -17.29 -5.26 12.68
C ASN B 92 -18.48 -4.31 12.85
N THR B 93 -18.60 -3.69 14.01
CA THR B 93 -19.70 -2.76 14.23
C THR B 93 -19.19 -1.34 14.12
N SER B 94 -20.05 -0.37 14.41
CA SER B 94 -19.63 1.04 14.39
C SER B 94 -20.18 1.67 15.67
N SER B 95 -20.47 0.80 16.64
CA SER B 95 -20.97 1.18 17.95
C SER B 95 -19.91 1.90 18.78
N ALA B 96 -20.18 3.14 19.15
CA ALA B 96 -19.25 3.89 19.97
C ALA B 96 -19.25 3.24 21.34
N TYR B 97 -20.29 2.45 21.60
CA TYR B 97 -20.40 1.74 22.88
C TYR B 97 -19.29 0.71 22.94
N ILE B 98 -19.27 -0.19 21.96
CA ILE B 98 -18.24 -1.21 21.90
C ILE B 98 -16.87 -0.55 21.94
N ALA B 99 -16.75 0.59 21.25
CA ALA B 99 -15.49 1.31 21.22
C ALA B 99 -15.04 1.75 22.62
N GLY B 100 -15.98 1.89 23.54
CA GLY B 100 -15.64 2.31 24.88
C GLY B 100 -14.90 1.26 25.67
N PHE B 101 -14.95 0.01 25.20
CA PHE B 101 -14.27 -1.08 25.88
C PHE B 101 -12.95 -1.46 25.22
N TYR B 102 -12.63 -0.78 24.13
CA TYR B 102 -11.39 -1.09 23.42
C TYR B 102 -10.20 -1.20 24.36
N THR B 103 -9.92 -0.11 25.09
CA THR B 103 -8.80 -0.09 26.01
C THR B 103 -8.92 -1.16 27.09
N LYS B 104 -10.14 -1.57 27.42
CA LYS B 104 -10.28 -2.61 28.42
C LYS B 104 -9.87 -3.95 27.78
N PHE B 105 -10.31 -4.17 26.54
CA PHE B 105 -9.95 -5.39 25.82
C PHE B 105 -8.43 -5.41 25.71
N VAL B 106 -7.90 -4.35 25.10
CA VAL B 106 -6.46 -4.22 24.90
C VAL B 106 -5.71 -4.56 26.18
N GLU B 107 -5.93 -3.77 27.23
CA GLU B 107 -5.25 -3.97 28.50
C GLU B 107 -5.32 -5.37 29.10
N ASN B 108 -6.19 -6.23 28.60
CA ASN B 108 -6.28 -7.60 29.12
C ASN B 108 -5.68 -8.60 28.15
N GLY B 109 -4.74 -8.13 27.32
CA GLY B 109 -4.09 -9.00 26.36
C GLY B 109 -4.88 -9.36 25.11
N ILE B 110 -6.04 -8.75 24.91
CA ILE B 110 -6.84 -9.04 23.73
C ILE B 110 -6.60 -8.02 22.61
N SER B 111 -6.25 -8.50 21.43
CA SER B 111 -5.97 -7.60 20.29
C SER B 111 -7.24 -7.21 19.49
N ILE B 112 -7.13 -6.14 18.71
CA ILE B 112 -8.25 -5.63 17.92
C ILE B 112 -7.91 -5.23 16.49
N ALA B 113 -8.80 -5.60 15.56
CA ALA B 113 -8.71 -5.27 14.13
C ALA B 113 -10.13 -4.81 13.85
N THR B 114 -10.31 -3.67 13.20
CA THR B 114 -11.67 -3.16 12.97
C THR B 114 -11.73 -2.01 11.97
N PRO B 115 -12.93 -1.79 11.38
CA PRO B 115 -13.13 -0.69 10.44
C PRO B 115 -13.84 0.41 11.25
N ASN B 116 -14.10 0.11 12.50
CA ASN B 116 -14.79 1.04 13.39
C ASN B 116 -13.97 2.31 13.69
N LYS B 117 -14.42 3.45 13.18
CA LYS B 117 -13.73 4.73 13.38
C LYS B 117 -13.89 5.37 14.77
N LYS B 118 -14.92 4.94 15.49
CA LYS B 118 -15.21 5.51 16.81
C LYS B 118 -14.03 5.76 17.75
N ALA B 119 -13.47 4.71 18.33
CA ALA B 119 -12.37 4.88 19.28
C ALA B 119 -11.21 5.72 18.77
N PHE B 120 -10.92 5.60 17.49
CA PHE B 120 -9.79 6.30 16.90
C PHE B 120 -9.99 7.77 16.58
N SER B 121 -11.22 8.23 16.53
CA SER B 121 -11.47 9.63 16.23
C SER B 121 -12.29 10.33 17.31
N SER B 122 -11.97 10.04 18.57
CA SER B 122 -12.63 10.69 19.69
C SER B 122 -11.51 11.38 20.45
N ASP B 123 -11.71 11.69 21.73
CA ASP B 123 -10.69 12.40 22.49
C ASP B 123 -9.30 11.80 22.32
N LEU B 124 -8.30 12.66 22.43
CA LEU B 124 -6.89 12.30 22.28
C LEU B 124 -6.34 11.29 23.29
N ALA B 125 -6.87 11.29 24.51
CA ALA B 125 -6.39 10.38 25.55
C ALA B 125 -6.78 8.92 25.31
N THR B 126 -7.91 8.70 24.63
CA THR B 126 -8.31 7.33 24.33
C THR B 126 -7.45 6.87 23.16
N TRP B 127 -7.06 7.82 22.32
CA TRP B 127 -6.20 7.52 21.20
C TRP B 127 -4.84 7.22 21.81
N LYS B 128 -4.41 8.06 22.76
CA LYS B 128 -3.14 7.87 23.42
C LYS B 128 -3.08 6.48 24.02
N ALA B 129 -4.25 5.94 24.38
CA ALA B 129 -4.33 4.60 24.95
C ALA B 129 -3.77 3.61 23.93
N LEU B 130 -3.76 4.01 22.65
CA LEU B 130 -3.21 3.21 21.56
C LEU B 130 -1.76 2.88 21.89
N PHE B 131 -1.19 3.63 22.83
CA PHE B 131 0.19 3.41 23.27
C PHE B 131 0.12 2.16 24.14
N SER B 132 -0.16 1.03 23.49
CA SER B 132 -0.27 -0.26 24.14
C SER B 132 1.10 -0.89 24.37
N ASN B 133 2.12 -0.05 24.52
CA ASN B 133 3.47 -0.54 24.74
C ASN B 133 3.49 -1.38 26.01
N LYS B 134 2.39 -1.38 26.75
CA LYS B 134 2.29 -2.16 27.97
C LYS B 134 2.62 -3.60 27.59
N PRO B 135 3.12 -4.39 28.56
CA PRO B 135 3.46 -5.78 28.28
C PRO B 135 2.24 -6.70 28.29
N THR B 136 1.20 -6.29 29.03
CA THR B 136 -0.01 -7.09 29.18
C THR B 136 -1.10 -6.86 28.13
N ASN B 137 -0.92 -5.92 27.20
CA ASN B 137 -1.98 -5.67 26.22
C ASN B 137 -1.75 -6.05 24.77
N GLY B 138 -2.84 -6.41 24.10
CA GLY B 138 -2.77 -6.81 22.71
C GLY B 138 -2.62 -5.65 21.76
N PHE B 139 -2.49 -5.96 20.48
CA PHE B 139 -2.32 -4.93 19.46
C PHE B 139 -3.64 -4.32 18.98
N VAL B 140 -3.52 -3.18 18.33
CA VAL B 140 -4.68 -2.46 17.80
C VAL B 140 -4.42 -2.02 16.35
N TYR B 141 -5.17 -2.60 15.42
CA TYR B 141 -5.03 -2.26 14.01
C TYR B 141 -6.38 -1.77 13.48
N HIS B 142 -6.32 -0.75 12.64
CA HIS B 142 -7.53 -0.13 12.09
C HIS B 142 -7.39 0.38 10.65
N GLU B 143 -6.85 -0.44 9.77
CA GLU B 143 -6.68 -0.06 8.36
C GLU B 143 -8.02 0.32 7.70
N ALA B 144 -8.98 -0.58 7.77
CA ALA B 144 -10.28 -0.34 7.16
C ALA B 144 -10.92 0.92 7.72
N THR B 145 -10.23 1.55 8.67
CA THR B 145 -10.75 2.74 9.30
C THR B 145 -10.62 3.99 8.44
N VAL B 146 -9.68 3.98 7.50
CA VAL B 146 -9.49 5.12 6.61
C VAL B 146 -9.17 4.69 5.19
N GLY B 147 -10.18 4.59 4.32
CA GLY B 147 -9.89 4.18 2.96
C GLY B 147 -10.04 2.70 2.71
N ALA B 148 -11.03 2.08 3.34
CA ALA B 148 -11.31 0.66 3.19
C ALA B 148 -10.08 -0.26 3.31
N GLY B 149 -9.63 -0.82 2.21
CA GLY B 149 -8.49 -1.73 2.26
C GLY B 149 -7.23 -1.25 1.58
N LEU B 150 -7.21 0.01 1.15
CA LEU B 150 -6.03 0.59 0.51
C LEU B 150 -4.85 0.59 1.52
N PRO B 151 -3.62 0.35 1.01
CA PRO B 151 -2.37 0.30 1.80
C PRO B 151 -1.99 1.66 2.36
N ILE B 152 -2.90 2.26 3.12
CA ILE B 152 -2.65 3.59 3.63
C ILE B 152 -2.03 3.77 5.02
N ILE B 153 -2.76 3.43 6.06
CA ILE B 153 -2.22 3.62 7.42
C ILE B 153 -0.95 2.82 7.68
N SER B 154 -0.87 1.63 7.08
CA SER B 154 0.31 0.81 7.26
C SER B 154 1.50 1.43 6.53
N PHE B 155 1.23 2.05 5.39
CA PHE B 155 2.31 2.68 4.62
C PHE B 155 2.85 3.91 5.35
N LEU B 156 2.01 4.56 6.15
CA LEU B 156 2.47 5.73 6.87
C LEU B 156 3.25 5.29 8.09
N ARG B 157 2.70 4.32 8.82
CA ARG B 157 3.38 3.82 10.01
C ARG B 157 4.76 3.31 9.59
N GLU B 158 4.84 2.71 8.41
CA GLU B 158 6.10 2.17 7.93
C GLU B 158 7.14 3.26 7.62
N ILE B 159 6.87 4.10 6.64
CA ILE B 159 7.83 5.15 6.30
C ILE B 159 8.20 5.98 7.54
N ILE B 160 7.20 6.38 8.31
CA ILE B 160 7.44 7.16 9.51
C ILE B 160 8.48 6.49 10.39
N GLN B 161 8.28 5.20 10.67
CA GLN B 161 9.21 4.45 11.49
C GLN B 161 10.56 4.38 10.81
N THR B 162 10.51 4.27 9.50
CA THR B 162 11.68 4.21 8.65
C THR B 162 12.55 5.42 8.92
N GLY B 163 11.90 6.56 9.14
CA GLY B 163 12.62 7.78 9.41
C GLY B 163 12.09 8.95 8.62
N ASP B 164 11.11 8.69 7.75
CA ASP B 164 10.53 9.73 6.92
C ASP B 164 9.64 10.62 7.77
N GLU B 165 9.27 11.78 7.22
CA GLU B 165 8.40 12.71 7.93
C GLU B 165 7.34 13.23 6.98
N VAL B 166 6.08 13.02 7.31
CA VAL B 166 4.99 13.48 6.47
C VAL B 166 4.93 14.99 6.58
N GLU B 167 4.63 15.66 5.47
CA GLU B 167 4.55 17.11 5.49
C GLU B 167 3.12 17.59 5.25
N LYS B 168 2.54 17.18 4.13
CA LYS B 168 1.19 17.57 3.79
C LYS B 168 0.44 16.36 3.25
N ILE B 169 -0.75 16.13 3.79
CA ILE B 169 -1.59 15.04 3.34
C ILE B 169 -2.95 15.59 2.96
N GLU B 170 -3.39 15.31 1.74
CA GLU B 170 -4.70 15.74 1.30
C GLU B 170 -5.32 14.64 0.44
N GLY B 171 -6.61 14.42 0.60
CA GLY B 171 -7.28 13.39 -0.18
C GLY B 171 -8.79 13.36 -0.08
N ILE B 172 -9.36 12.29 -0.62
CA ILE B 172 -10.81 12.07 -0.63
C ILE B 172 -11.07 10.78 0.14
N PHE B 173 -11.67 10.90 1.33
CA PHE B 173 -11.89 9.73 2.16
C PHE B 173 -13.32 9.22 2.27
N SER B 174 -14.25 9.81 1.53
CA SER B 174 -15.63 9.36 1.61
C SER B 174 -16.16 8.82 0.28
N GLY B 175 -16.57 7.56 0.27
CA GLY B 175 -17.13 6.97 -0.93
C GLY B 175 -18.29 7.80 -1.44
N THR B 176 -19.34 7.90 -0.64
CA THR B 176 -20.51 8.68 -1.05
C THR B 176 -20.12 10.05 -1.60
N LEU B 177 -19.43 10.85 -0.80
CA LEU B 177 -19.06 12.18 -1.24
C LEU B 177 -18.26 12.21 -2.53
N SER B 178 -17.35 11.25 -2.71
CA SER B 178 -16.55 11.17 -3.93
C SER B 178 -17.45 10.86 -5.13
N TYR B 179 -18.28 9.84 -4.99
CA TYR B 179 -19.21 9.48 -6.06
C TYR B 179 -19.96 10.74 -6.48
N ILE B 180 -20.57 11.39 -5.51
CA ILE B 180 -21.34 12.59 -5.79
C ILE B 180 -20.53 13.59 -6.60
N PHE B 181 -19.32 13.89 -6.14
CA PHE B 181 -18.52 14.88 -6.86
C PHE B 181 -17.95 14.40 -8.20
N ASN B 182 -17.81 13.09 -8.38
CA ASN B 182 -17.31 12.56 -9.64
C ASN B 182 -18.44 12.63 -10.67
N GLU B 183 -19.67 12.57 -10.19
CA GLU B 183 -20.83 12.62 -11.07
C GLU B 183 -21.27 14.06 -11.29
N PHE B 184 -21.02 14.91 -10.30
CA PHE B 184 -21.41 16.30 -10.35
C PHE B 184 -20.44 17.19 -11.08
N SER B 185 -19.19 17.17 -10.64
CA SER B 185 -18.15 18.02 -11.23
C SER B 185 -17.16 17.19 -12.03
N THR B 186 -17.30 17.19 -13.35
CA THR B 186 -16.38 16.44 -14.21
C THR B 186 -15.54 17.33 -15.12
N SER B 187 -14.87 16.70 -16.08
CA SER B 187 -14.03 17.42 -17.03
C SER B 187 -14.85 17.85 -18.23
N GLN B 188 -15.89 17.08 -18.54
CA GLN B 188 -16.73 17.38 -19.69
C GLN B 188 -17.92 18.26 -19.35
N ALA B 189 -18.61 18.76 -20.38
CA ALA B 189 -19.78 19.60 -20.21
C ALA B 189 -20.77 18.83 -19.34
N ASN B 190 -21.28 19.48 -18.30
CA ASN B 190 -22.21 18.82 -17.38
C ASN B 190 -23.30 19.78 -16.88
N ASP B 191 -24.56 19.40 -17.06
CA ASP B 191 -25.68 20.23 -16.60
C ASP B 191 -26.43 19.53 -15.45
N VAL B 192 -25.77 18.56 -14.84
CA VAL B 192 -26.35 17.82 -13.72
C VAL B 192 -26.44 18.68 -12.47
N LYS B 193 -27.59 18.62 -11.80
CA LYS B 193 -27.84 19.38 -10.58
C LYS B 193 -27.30 18.60 -9.39
N PHE B 194 -26.90 19.31 -8.34
CA PHE B 194 -26.37 18.66 -7.15
C PHE B 194 -27.44 17.76 -6.57
N SER B 195 -28.62 18.34 -6.35
CA SER B 195 -29.75 17.64 -5.75
C SER B 195 -30.01 16.28 -6.38
N ASP B 196 -29.82 16.18 -7.69
CA ASP B 196 -30.07 14.92 -8.38
C ASP B 196 -29.01 13.86 -8.15
N VAL B 197 -27.74 14.24 -8.16
CA VAL B 197 -26.69 13.26 -7.95
C VAL B 197 -26.88 12.64 -6.57
N VAL B 198 -26.95 13.49 -5.54
CA VAL B 198 -27.14 13.02 -4.17
C VAL B 198 -28.49 12.32 -4.05
N LYS B 199 -29.43 12.67 -4.90
CA LYS B 199 -30.72 12.04 -4.85
C LYS B 199 -30.59 10.59 -5.31
N VAL B 200 -29.80 10.38 -6.34
CA VAL B 200 -29.59 9.05 -6.91
C VAL B 200 -28.67 8.20 -6.05
N ALA B 201 -27.58 8.79 -5.58
CA ALA B 201 -26.62 8.08 -4.75
C ALA B 201 -27.38 7.45 -3.61
N LYS B 202 -28.39 8.16 -3.13
CA LYS B 202 -29.23 7.69 -2.05
C LYS B 202 -30.05 6.48 -2.51
N LYS B 203 -30.61 6.58 -3.72
CA LYS B 203 -31.42 5.49 -4.27
C LYS B 203 -30.60 4.24 -4.53
N LEU B 204 -29.38 4.41 -5.00
CA LEU B 204 -28.54 3.24 -5.26
C LEU B 204 -28.12 2.60 -3.96
N GLY B 205 -28.28 3.35 -2.88
CA GLY B 205 -27.93 2.84 -1.58
C GLY B 205 -26.52 3.18 -1.17
N TYR B 206 -25.96 4.26 -1.72
CA TYR B 206 -24.60 4.67 -1.38
C TYR B 206 -24.56 5.59 -0.16
N THR B 207 -25.52 6.49 -0.04
CA THR B 207 -25.55 7.39 1.09
C THR B 207 -26.04 6.64 2.32
N GLU B 208 -25.90 7.26 3.49
CA GLU B 208 -26.38 6.68 4.73
C GLU B 208 -27.89 6.84 4.60
N PRO B 209 -28.67 6.11 5.41
CA PRO B 209 -30.13 6.25 5.30
C PRO B 209 -30.58 7.72 5.17
N ASP B 210 -29.85 8.64 5.79
CA ASP B 210 -30.15 10.07 5.70
C ASP B 210 -28.87 10.73 5.19
N PRO B 211 -28.81 11.05 3.88
CA PRO B 211 -27.64 11.68 3.25
C PRO B 211 -27.10 12.90 4.02
N ARG B 212 -27.92 13.48 4.89
CA ARG B 212 -27.46 14.61 5.67
C ARG B 212 -26.29 14.11 6.52
N ASP B 213 -26.23 12.79 6.72
CA ASP B 213 -25.16 12.23 7.52
C ASP B 213 -23.87 12.05 6.76
N ASP B 214 -23.90 12.38 5.46
CA ASP B 214 -22.71 12.30 4.63
C ASP B 214 -22.30 13.72 4.26
N LEU B 215 -23.30 14.55 3.99
CA LEU B 215 -23.06 15.93 3.59
C LEU B 215 -22.49 16.85 4.67
N ASN B 216 -22.68 16.51 5.95
CA ASN B 216 -22.14 17.34 7.02
C ASN B 216 -20.63 17.15 7.14
N GLY B 217 -20.09 16.31 6.26
CA GLY B 217 -18.66 16.03 6.22
C GLY B 217 -18.01 15.63 7.53
N LEU B 218 -18.80 15.10 8.46
CA LEU B 218 -18.22 14.69 9.74
C LEU B 218 -17.54 13.35 9.62
N ASP B 219 -17.99 12.50 8.70
CA ASP B 219 -17.33 11.21 8.58
C ASP B 219 -15.94 11.37 7.98
N VAL B 220 -15.75 12.30 7.04
CA VAL B 220 -14.42 12.47 6.48
C VAL B 220 -13.56 13.15 7.54
N ALA B 221 -14.19 14.03 8.34
CA ALA B 221 -13.46 14.73 9.39
C ALA B 221 -12.90 13.74 10.41
N ARG B 222 -13.59 12.63 10.59
CA ARG B 222 -13.15 11.57 11.49
C ARG B 222 -11.89 10.93 10.90
N LYS B 223 -11.99 10.51 9.65
CA LYS B 223 -10.88 9.88 8.94
C LYS B 223 -9.68 10.82 8.90
N VAL B 224 -9.95 12.10 8.66
CA VAL B 224 -8.89 13.09 8.63
C VAL B 224 -8.22 13.15 10.01
N THR B 225 -9.04 13.21 11.06
CA THR B 225 -8.54 13.27 12.42
C THR B 225 -7.52 12.14 12.65
N ILE B 226 -7.83 10.97 12.09
CA ILE B 226 -6.97 9.82 12.22
C ILE B 226 -5.64 9.99 11.47
N VAL B 227 -5.72 10.33 10.18
CA VAL B 227 -4.53 10.53 9.38
C VAL B 227 -3.65 11.61 9.97
N GLY B 228 -4.28 12.70 10.43
CA GLY B 228 -3.54 13.80 11.01
C GLY B 228 -2.70 13.44 12.23
N ARG B 229 -3.26 12.58 13.08
CA ARG B 229 -2.58 12.12 14.28
C ARG B 229 -1.40 11.23 13.93
N ILE B 230 -1.64 10.15 13.20
CA ILE B 230 -0.54 9.27 12.82
C ILE B 230 0.52 10.14 12.16
N SER B 231 0.09 11.21 11.51
CA SER B 231 1.02 12.09 10.82
C SER B 231 1.74 13.09 11.72
N GLY B 232 1.38 13.11 13.00
CA GLY B 232 2.06 14.00 13.94
C GLY B 232 1.36 15.28 14.34
N VAL B 233 0.10 15.43 13.97
CA VAL B 233 -0.65 16.62 14.32
C VAL B 233 -1.73 16.23 15.30
N GLU B 234 -1.37 16.21 16.58
CA GLU B 234 -2.30 15.81 17.63
C GLU B 234 -3.63 16.55 17.63
N VAL B 235 -4.48 16.19 16.69
CA VAL B 235 -5.80 16.77 16.52
C VAL B 235 -6.67 16.43 17.74
N GLU B 236 -7.30 17.45 18.32
CA GLU B 236 -8.15 17.23 19.50
C GLU B 236 -9.36 16.38 19.20
N SER B 237 -10.16 16.81 18.23
CA SER B 237 -11.36 16.09 17.88
C SER B 237 -11.75 16.30 16.43
N PRO B 238 -12.72 15.52 15.93
CA PRO B 238 -13.18 15.62 14.55
C PRO B 238 -13.92 16.94 14.33
N THR B 239 -14.24 17.62 15.41
CA THR B 239 -14.96 18.89 15.30
C THR B 239 -14.12 20.12 15.63
N SER B 240 -12.91 19.91 16.14
CA SER B 240 -12.06 21.02 16.50
C SER B 240 -11.27 21.65 15.34
N PHE B 241 -11.88 21.70 14.15
CA PHE B 241 -11.24 22.31 12.98
C PHE B 241 -12.26 22.49 11.87
N PRO B 242 -11.97 23.39 10.93
CA PRO B 242 -12.87 23.67 9.80
C PRO B 242 -13.34 22.43 9.07
N VAL B 243 -14.64 22.37 8.84
CA VAL B 243 -15.27 21.28 8.12
C VAL B 243 -16.45 21.91 7.43
N GLN B 244 -16.35 22.05 6.13
CA GLN B 244 -17.42 22.64 5.35
C GLN B 244 -18.57 21.64 5.15
N SER B 245 -19.76 22.02 5.60
CA SER B 245 -20.94 21.18 5.47
C SER B 245 -21.59 21.43 4.11
N LEU B 246 -22.03 20.38 3.43
CA LEU B 246 -22.65 20.54 2.13
C LEU B 246 -24.17 20.67 2.30
N ILE B 247 -24.61 20.67 3.54
CA ILE B 247 -26.04 20.77 3.84
C ILE B 247 -26.53 22.22 3.95
N PRO B 248 -27.48 22.60 3.09
CA PRO B 248 -28.03 23.97 3.10
C PRO B 248 -28.55 24.32 4.49
N LYS B 249 -27.93 25.31 5.14
CA LYS B 249 -28.34 25.71 6.49
C LYS B 249 -29.83 25.56 6.80
N PRO B 250 -30.71 26.08 5.91
CA PRO B 250 -32.15 25.98 6.15
C PRO B 250 -32.70 24.55 6.19
N LEU B 251 -31.91 23.60 5.69
CA LEU B 251 -32.34 22.20 5.70
C LEU B 251 -31.63 21.42 6.80
N GLU B 252 -30.94 22.13 7.68
CA GLU B 252 -30.22 21.49 8.78
C GLU B 252 -31.18 20.89 9.81
N SER B 253 -32.29 21.59 10.06
CA SER B 253 -33.27 21.11 11.02
C SER B 253 -34.60 20.82 10.30
N VAL B 254 -34.66 19.63 9.73
CA VAL B 254 -35.84 19.17 8.98
C VAL B 254 -36.16 17.75 9.48
N LYS B 255 -37.45 17.46 9.62
CA LYS B 255 -37.90 16.17 10.13
C LYS B 255 -37.32 14.89 9.52
N SER B 256 -37.44 14.73 8.20
CA SER B 256 -37.00 13.50 7.54
C SER B 256 -35.85 13.65 6.56
N ALA B 257 -35.31 12.50 6.18
CA ALA B 257 -34.23 12.43 5.20
C ALA B 257 -34.92 12.62 3.87
N ASP B 258 -36.23 12.50 3.90
CA ASP B 258 -37.08 12.63 2.73
C ASP B 258 -37.53 14.07 2.49
N GLU B 259 -37.62 14.85 3.56
CA GLU B 259 -38.02 16.24 3.41
C GLU B 259 -36.78 16.98 2.91
N PHE B 260 -35.64 16.49 3.36
CA PHE B 260 -34.34 17.02 2.98
C PHE B 260 -34.19 16.92 1.45
N LEU B 261 -34.44 15.73 0.92
CA LEU B 261 -34.32 15.47 -0.52
C LEU B 261 -35.33 16.21 -1.41
N GLU B 262 -36.53 16.40 -0.90
CA GLU B 262 -37.56 17.11 -1.66
C GLU B 262 -37.17 18.60 -1.68
N LYS B 263 -36.73 19.08 -0.52
CA LYS B 263 -36.36 20.48 -0.33
C LYS B 263 -34.95 20.88 -0.83
N LEU B 264 -34.01 19.95 -0.82
CA LEU B 264 -32.64 20.22 -1.25
C LEU B 264 -32.53 20.91 -2.60
N SER B 265 -33.30 20.44 -3.58
CA SER B 265 -33.32 21.00 -4.93
C SER B 265 -33.32 22.52 -4.89
N ASP B 266 -33.97 23.07 -3.87
CA ASP B 266 -34.08 24.51 -3.70
C ASP B 266 -32.77 25.26 -3.50
N TYR B 267 -31.67 24.55 -3.34
CA TYR B 267 -30.39 25.20 -3.11
C TYR B 267 -29.26 24.81 -4.07
N ASP B 268 -29.61 24.31 -5.26
CA ASP B 268 -28.60 23.92 -6.23
C ASP B 268 -27.84 25.19 -6.67
N LYS B 269 -28.56 26.29 -6.64
CA LYS B 269 -28.03 27.59 -7.03
C LYS B 269 -26.53 27.78 -6.84
N ASP B 270 -26.09 27.93 -5.59
CA ASP B 270 -24.68 28.13 -5.28
C ASP B 270 -23.75 27.17 -6.02
N LEU B 271 -23.71 25.91 -5.57
CA LEU B 271 -22.87 24.89 -6.18
C LEU B 271 -22.97 24.87 -7.71
N THR B 272 -24.15 25.15 -8.26
CA THR B 272 -24.31 25.17 -9.72
C THR B 272 -23.41 26.25 -10.30
N GLN B 273 -23.27 27.32 -9.55
CA GLN B 273 -22.45 28.44 -10.00
C GLN B 273 -20.98 28.12 -9.79
N LEU B 274 -20.65 27.64 -8.59
CA LEU B 274 -19.27 27.29 -8.24
C LEU B 274 -18.76 26.18 -9.15
N LYS B 275 -19.66 25.26 -9.52
CA LYS B 275 -19.32 24.17 -10.40
C LYS B 275 -18.99 24.78 -11.76
N LYS B 276 -19.82 25.73 -12.16
CA LYS B 276 -19.63 26.41 -13.43
C LYS B 276 -18.31 27.16 -13.37
N GLU B 277 -18.17 28.07 -12.41
CA GLU B 277 -16.94 28.83 -12.28
C GLU B 277 -15.72 27.96 -12.52
N ALA B 278 -15.65 26.83 -11.81
CA ALA B 278 -14.53 25.91 -11.94
C ALA B 278 -14.42 25.36 -13.35
N ALA B 279 -15.54 25.29 -14.05
CA ALA B 279 -15.58 24.79 -15.42
C ALA B 279 -14.83 25.75 -16.35
N THR B 280 -15.06 27.04 -16.13
CA THR B 280 -14.42 28.11 -16.86
C THR B 280 -12.89 28.05 -16.71
N GLU B 281 -12.45 27.75 -15.49
CA GLU B 281 -11.03 27.65 -15.18
C GLU B 281 -10.53 26.27 -15.54
N ASN B 282 -11.39 25.49 -16.18
CA ASN B 282 -11.03 24.14 -16.57
C ASN B 282 -10.51 23.41 -15.35
N LYS B 283 -11.33 23.42 -14.30
CA LYS B 283 -11.02 22.77 -13.04
C LYS B 283 -12.19 21.90 -12.66
N VAL B 284 -12.02 21.13 -11.60
CA VAL B 284 -13.07 20.25 -11.13
C VAL B 284 -13.30 20.48 -9.63
N LEU B 285 -14.45 20.04 -9.12
CA LEU B 285 -14.77 20.18 -7.69
C LEU B 285 -14.64 18.83 -6.96
N ARG B 286 -14.00 18.87 -5.80
CA ARG B 286 -13.81 17.66 -4.99
C ARG B 286 -13.97 17.98 -3.51
N PHE B 287 -14.36 16.99 -2.71
CA PHE B 287 -14.50 17.18 -1.29
C PHE B 287 -13.30 16.47 -0.68
N ILE B 288 -12.40 17.26 -0.11
CA ILE B 288 -11.18 16.71 0.46
C ILE B 288 -10.95 17.02 1.93
N GLY B 289 -9.91 16.37 2.45
CA GLY B 289 -9.48 16.56 3.83
C GLY B 289 -8.06 17.08 3.65
N LYS B 290 -7.57 17.88 4.58
CA LYS B 290 -6.23 18.41 4.42
C LYS B 290 -5.48 18.47 5.74
N VAL B 291 -4.26 17.96 5.74
CA VAL B 291 -3.42 17.97 6.93
C VAL B 291 -2.07 18.57 6.60
N ASP B 292 -1.74 19.69 7.22
CA ASP B 292 -0.44 20.34 6.99
C ASP B 292 0.35 20.26 8.27
N VAL B 293 1.19 19.24 8.37
CA VAL B 293 2.00 19.02 9.56
C VAL B 293 2.81 20.24 10.03
N ALA B 294 3.40 20.97 9.09
CA ALA B 294 4.19 22.14 9.45
C ALA B 294 3.41 23.17 10.26
N THR B 295 2.27 23.62 9.73
CA THR B 295 1.46 24.62 10.42
C THR B 295 0.38 24.01 11.30
N LYS B 296 0.44 22.69 11.51
CA LYS B 296 -0.54 22.00 12.33
C LYS B 296 -1.98 22.34 11.96
N SER B 297 -2.19 22.73 10.70
CA SER B 297 -3.53 23.08 10.25
C SER B 297 -4.18 21.85 9.64
N VAL B 298 -5.51 21.81 9.72
CA VAL B 298 -6.29 20.68 9.22
C VAL B 298 -7.66 21.20 8.78
N SER B 299 -8.27 20.57 7.79
CA SER B 299 -9.57 21.01 7.32
C SER B 299 -10.20 20.06 6.30
N VAL B 300 -11.50 20.23 6.08
CA VAL B 300 -12.21 19.44 5.10
C VAL B 300 -13.21 20.36 4.41
N GLY B 301 -13.39 20.16 3.11
CA GLY B 301 -14.30 20.99 2.37
C GLY B 301 -14.10 20.82 0.88
N ILE B 302 -14.61 21.78 0.13
CA ILE B 302 -14.46 21.71 -1.30
C ILE B 302 -13.16 22.39 -1.71
N GLU B 303 -12.71 22.06 -2.91
CA GLU B 303 -11.52 22.62 -3.49
C GLU B 303 -11.49 22.24 -4.95
N LYS B 304 -11.08 23.20 -5.76
CA LYS B 304 -11.00 23.01 -7.19
C LYS B 304 -9.64 22.43 -7.54
N TYR B 305 -9.66 21.45 -8.43
CA TYR B 305 -8.42 20.82 -8.87
C TYR B 305 -8.34 20.90 -10.37
N ASP B 306 -7.13 20.88 -10.88
CA ASP B 306 -6.96 20.95 -12.32
C ASP B 306 -7.24 19.58 -12.95
N TYR B 307 -7.48 19.57 -14.25
CA TYR B 307 -7.77 18.33 -14.97
C TYR B 307 -6.64 17.30 -14.96
N SER B 308 -5.39 17.77 -15.03
CA SER B 308 -4.25 16.87 -15.03
C SER B 308 -3.91 16.44 -13.61
N HIS B 309 -4.71 16.88 -12.64
CA HIS B 309 -4.46 16.52 -11.27
C HIS B 309 -4.97 15.11 -10.97
N PRO B 310 -4.25 14.36 -10.14
CA PRO B 310 -4.64 13.00 -9.77
C PRO B 310 -6.08 12.92 -9.27
N PHE B 311 -6.52 13.99 -8.61
CA PHE B 311 -7.88 14.06 -8.07
C PHE B 311 -8.97 14.28 -9.08
N ALA B 312 -8.61 14.65 -10.30
CA ALA B 312 -9.63 14.89 -11.33
C ALA B 312 -9.88 13.63 -12.13
N SER B 313 -9.02 12.65 -11.94
CA SER B 313 -9.10 11.40 -12.68
C SER B 313 -9.38 10.20 -11.78
N LEU B 314 -10.58 10.13 -11.24
CA LEU B 314 -10.96 9.01 -10.39
C LEU B 314 -12.15 8.33 -11.01
N LYS B 315 -12.35 7.05 -10.73
CA LYS B 315 -13.50 6.35 -11.29
C LYS B 315 -14.51 5.98 -10.19
N GLY B 316 -15.76 5.77 -10.60
CA GLY B 316 -16.80 5.41 -9.67
C GLY B 316 -16.81 6.26 -8.40
N SER B 317 -16.31 5.70 -7.31
CA SER B 317 -16.27 6.40 -6.02
C SER B 317 -14.94 6.26 -5.29
N ASP B 318 -13.87 6.02 -6.05
CA ASP B 318 -12.54 5.85 -5.48
C ASP B 318 -12.25 6.89 -4.39
N ASN B 319 -11.35 6.53 -3.49
CA ASN B 319 -10.89 7.44 -2.45
C ASN B 319 -9.49 7.73 -2.95
N VAL B 320 -8.85 8.76 -2.41
CA VAL B 320 -7.51 9.11 -2.82
C VAL B 320 -6.80 9.76 -1.67
N ILE B 321 -5.50 9.54 -1.59
CA ILE B 321 -4.73 10.18 -0.58
C ILE B 321 -3.35 10.45 -1.15
N SER B 322 -2.96 11.72 -1.12
CA SER B 322 -1.68 12.19 -1.60
C SER B 322 -0.76 12.35 -0.37
N ILE B 323 0.36 11.64 -0.34
CA ILE B 323 1.25 11.73 0.80
C ILE B 323 2.59 12.39 0.50
N LYS B 324 2.77 13.62 0.96
CA LYS B 324 4.04 14.31 0.75
C LYS B 324 4.86 14.19 2.02
N THR B 325 6.12 13.80 1.86
CA THR B 325 7.00 13.64 3.01
C THR B 325 8.37 14.22 2.72
N LYS B 326 9.25 14.12 3.71
CA LYS B 326 10.63 14.60 3.62
C LYS B 326 11.32 14.03 2.35
N ARG B 327 11.23 12.72 2.17
CA ARG B 327 11.85 12.03 1.04
C ARG B 327 10.93 11.96 -0.18
N TYR B 328 9.64 12.20 0.02
CA TYR B 328 8.71 12.15 -1.11
C TYR B 328 8.28 13.56 -1.51
N THR B 329 9.20 14.28 -2.15
CA THR B 329 8.95 15.64 -2.62
C THR B 329 7.67 15.60 -3.42
N ASN B 330 7.59 14.61 -4.30
CA ASN B 330 6.40 14.36 -5.13
C ASN B 330 5.58 13.35 -4.34
N PRO B 331 4.30 13.67 -4.07
CA PRO B 331 3.37 12.82 -3.31
C PRO B 331 3.35 11.35 -3.77
N VAL B 332 3.06 10.44 -2.86
CA VAL B 332 2.98 9.03 -3.20
C VAL B 332 1.57 8.66 -3.71
N VAL B 333 0.60 9.57 -3.57
CA VAL B 333 -0.75 9.34 -4.06
C VAL B 333 -1.21 7.87 -4.26
N ILE B 334 -2.10 7.42 -3.37
CA ILE B 334 -2.66 6.07 -3.40
C ILE B 334 -4.16 6.19 -3.67
N GLN B 335 -4.68 5.48 -4.65
CA GLN B 335 -6.10 5.58 -4.95
C GLN B 335 -6.81 4.27 -5.26
N GLY B 336 -8.06 4.17 -4.81
CA GLY B 336 -8.84 2.97 -5.03
C GLY B 336 -10.08 3.03 -4.17
N ALA B 337 -10.87 1.97 -4.20
CA ALA B 337 -12.13 1.91 -3.43
C ALA B 337 -11.93 2.06 -1.92
N GLY B 338 -12.59 3.07 -1.36
CA GLY B 338 -12.53 3.34 0.08
C GLY B 338 -13.79 2.86 0.77
N ALA B 339 -14.58 2.04 0.07
CA ALA B 339 -15.82 1.49 0.59
C ALA B 339 -16.32 0.31 -0.26
N GLY B 340 -17.18 -0.51 0.34
CA GLY B 340 -17.71 -1.70 -0.31
C GLY B 340 -17.41 -2.84 0.66
N ALA B 341 -18.30 -3.83 0.77
CA ALA B 341 -18.05 -4.90 1.72
C ALA B 341 -16.74 -5.65 1.46
N ALA B 342 -16.71 -6.43 0.38
CA ALA B 342 -15.55 -7.24 -0.02
C ALA B 342 -14.18 -6.59 0.20
N VAL B 343 -14.02 -5.41 -0.38
CA VAL B 343 -12.81 -4.61 -0.30
C VAL B 343 -12.44 -4.27 1.16
N THR B 344 -13.43 -3.81 1.91
CA THR B 344 -13.24 -3.43 3.30
C THR B 344 -12.91 -4.62 4.18
N ALA B 345 -13.67 -5.69 4.04
CA ALA B 345 -13.42 -6.88 4.86
C ALA B 345 -11.98 -7.35 4.63
N ALA B 346 -11.51 -7.29 3.39
CA ALA B 346 -10.16 -7.72 3.09
C ALA B 346 -9.16 -6.85 3.86
N GLY B 347 -9.60 -5.66 4.23
CA GLY B 347 -8.74 -4.77 4.98
C GLY B 347 -8.69 -5.23 6.42
N VAL B 348 -9.87 -5.53 6.97
CA VAL B 348 -9.96 -5.99 8.34
C VAL B 348 -9.12 -7.29 8.47
N LEU B 349 -9.38 -8.25 7.58
CA LEU B 349 -8.66 -9.54 7.59
C LEU B 349 -7.15 -9.34 7.43
N GLY B 350 -6.76 -8.43 6.56
CA GLY B 350 -5.34 -8.17 6.37
C GLY B 350 -4.70 -7.70 7.67
N ASP B 351 -5.47 -7.02 8.51
CA ASP B 351 -4.94 -6.55 9.78
C ASP B 351 -4.91 -7.76 10.68
N VAL B 352 -5.85 -8.67 10.46
CA VAL B 352 -5.91 -9.89 11.24
C VAL B 352 -4.62 -10.67 10.95
N ILE B 353 -4.27 -10.74 9.67
CA ILE B 353 -3.07 -11.43 9.26
C ILE B 353 -1.86 -10.81 9.95
N LYS B 354 -1.63 -9.51 9.73
CA LYS B 354 -0.51 -8.82 10.35
C LYS B 354 -0.40 -9.10 11.85
N ILE B 355 -1.51 -8.99 12.58
CA ILE B 355 -1.51 -9.23 14.02
C ILE B 355 -1.18 -10.67 14.39
N ALA B 356 -1.84 -11.62 13.74
CA ALA B 356 -1.61 -13.02 14.05
C ALA B 356 -0.14 -13.39 13.87
N GLN B 357 0.56 -12.69 12.98
CA GLN B 357 1.96 -13.01 12.75
C GLN B 357 2.82 -12.44 13.87
N ARG B 358 2.40 -11.29 14.39
CA ARG B 358 3.13 -10.62 15.46
C ARG B 358 2.91 -11.36 16.78
N LEU B 359 1.90 -12.21 16.83
CA LEU B 359 1.60 -12.98 18.04
C LEU B 359 2.44 -14.25 18.08
#